data_8CSF
#
_entry.id   8CSF
#
_cell.length_a   92.500
_cell.length_b   158.070
_cell.length_c   116.680
_cell.angle_alpha   90.000
_cell.angle_beta   90.000
_cell.angle_gamma   90.000
#
_symmetry.space_group_name_H-M   'C 2 2 21'
#
loop_
_entity.id
_entity.type
_entity.pdbx_description
1 polymer 'N-acetyl glucosaminyl transferase'
2 branched alpha-L-rhamnopyranose-(1-3)-2-acetamido-2-deoxy-beta-D-glucopyranose
3 non-polymer "CYTIDINE-5'-MONOPHOSPHATE"
4 non-polymer 'SODIUM ION'
5 non-polymer '3-deoxy-alpha-D-manno-oct-2-ulopyranosonic acid'
6 water water
#
_entity_poly.entity_id   1
_entity_poly.type   'polypeptide(L)'
_entity_poly.pdbx_seq_one_letter_code
;MGLAVFLPPYPFRGLKAPYLWMFYKYLH(CSO)ATDSILFITGEDYLSVTDDEAQRARWEFDPASMASLGYELPNAQSMA
CHEYLTLDNAFYETLLSRHHHDPIKSFSAFLTERIPDLETELHALLDSKKGIIDQIDTFISICNCPSLEHVARTLGKEVM
HIEIGPLRAPMYRNTAYLDFAGVNGGTEASARYEK(CSO)QAEFDIKASLGDLHNYFLEVLPPAEAATHSAAGVVLQVED
CSNLIAYNHDFTNISLLSYVRQRYEKEDILVRAHPGSLFRLRDDVFTIDDSANSLAFINQCNEVFTINSSVGLEAILTGK
KTTVLGDCSYAFINELAGASATVNAAAFYLFSYLVPFDLVFNQEYLKFRLGHPEEREIVGKHIEFYSADMPGSLSQAAHS
LSSLINEAISLEHHHHHH
;
_entity_poly.pdbx_strand_id   A,B
#
loop_
_chem_comp.id
_chem_comp.type
_chem_comp.name
_chem_comp.formula
C5P non-polymer CYTIDINE-5'-MONOPHOSPHATE 'C9 H14 N3 O8 P'
KDO D-saccharide, alpha linking '3-deoxy-alpha-D-manno-oct-2-ulopyranosonic acid' 'C8 H14 O8'
NA non-polymer 'SODIUM ION' 'Na 1'
NAG D-saccharide, beta linking 2-acetamido-2-deoxy-beta-D-glucopyranose 'C8 H15 N O6'
RAM L-saccharide, alpha linking alpha-L-rhamnopyranose 'C6 H12 O5'
#
# COMPACT_ATOMS: atom_id res chain seq x y z
N GLY A 2 -21.27 -3.59 6.01
CA GLY A 2 -21.60 -3.92 4.65
C GLY A 2 -20.32 -4.13 3.86
N LEU A 3 -20.41 -4.96 2.82
CA LEU A 3 -19.30 -5.16 1.92
C LEU A 3 -19.36 -4.13 0.80
N ALA A 4 -18.20 -3.72 0.32
CA ALA A 4 -18.04 -2.89 -0.86
C ALA A 4 -17.19 -3.71 -1.82
N VAL A 5 -17.81 -4.32 -2.83
CA VAL A 5 -17.16 -5.25 -3.73
C VAL A 5 -16.76 -4.49 -4.99
N PHE A 6 -15.47 -4.57 -5.35
CA PHE A 6 -14.88 -3.79 -6.43
C PHE A 6 -14.67 -4.72 -7.62
N LEU A 7 -15.37 -4.44 -8.73
CA LEU A 7 -15.35 -5.28 -9.92
C LEU A 7 -15.12 -4.34 -11.09
N PRO A 8 -13.88 -4.10 -11.46
CA PRO A 8 -13.57 -3.11 -12.50
C PRO A 8 -14.18 -3.49 -13.84
N PRO A 9 -14.80 -2.54 -14.53
CA PRO A 9 -15.40 -2.83 -15.83
C PRO A 9 -14.46 -2.67 -17.00
N TYR A 10 -13.26 -2.16 -16.78
CA TYR A 10 -12.35 -1.85 -17.87
C TYR A 10 -12.00 -3.11 -18.66
N PRO A 11 -12.31 -3.15 -19.95
CA PRO A 11 -12.15 -4.38 -20.76
C PRO A 11 -10.73 -4.53 -21.31
N PHE A 12 -9.76 -4.66 -20.40
CA PHE A 12 -8.35 -4.65 -20.80
C PHE A 12 -8.07 -5.74 -21.83
N ARG A 13 -8.77 -6.86 -21.72
CA ARG A 13 -8.53 -8.02 -22.56
C ARG A 13 -9.53 -8.13 -23.69
N GLY A 14 -10.39 -7.12 -23.87
CA GLY A 14 -11.27 -7.08 -25.00
C GLY A 14 -12.64 -7.67 -24.78
N LEU A 15 -13.08 -7.75 -23.51
CA LEU A 15 -14.32 -8.43 -23.17
C LEU A 15 -15.03 -7.62 -22.09
N LYS A 16 -16.29 -7.24 -22.32
CA LYS A 16 -17.03 -6.45 -21.34
C LYS A 16 -17.29 -7.28 -20.08
N ALA A 17 -17.48 -6.57 -18.97
CA ALA A 17 -17.72 -7.17 -17.65
C ALA A 17 -16.81 -8.37 -17.42
N PRO A 18 -15.48 -8.16 -17.40
CA PRO A 18 -14.57 -9.31 -17.28
C PRO A 18 -14.82 -10.17 -16.06
N TYR A 19 -15.18 -9.57 -14.93
CA TYR A 19 -15.33 -10.29 -13.66
C TYR A 19 -16.79 -10.56 -13.35
N LEU A 20 -17.57 -10.90 -14.39
CA LEU A 20 -19.02 -11.07 -14.25
C LEU A 20 -19.39 -12.23 -13.33
N TRP A 21 -18.61 -13.31 -13.32
CA TRP A 21 -18.98 -14.45 -12.48
C TRP A 21 -18.99 -14.08 -11.00
N MET A 22 -18.08 -13.20 -10.56
CA MET A 22 -18.03 -12.90 -9.14
C MET A 22 -19.20 -11.99 -8.75
N PHE A 23 -19.58 -11.07 -9.66
CA PHE A 23 -20.84 -10.34 -9.55
C PHE A 23 -22.01 -11.30 -9.29
N TYR A 24 -22.18 -12.32 -10.15
CA TYR A 24 -23.29 -13.26 -9.99
C TYR A 24 -23.14 -14.10 -8.72
N LYS A 25 -21.91 -14.46 -8.34
CA LYS A 25 -21.72 -15.22 -7.11
C LYS A 25 -22.06 -14.41 -5.88
N TYR A 26 -21.63 -13.15 -5.79
CA TYR A 26 -21.97 -12.36 -4.61
C TYR A 26 -23.47 -12.09 -4.55
N LEU A 27 -24.10 -11.78 -5.71
CA LEU A 27 -25.53 -11.50 -5.70
C LEU A 27 -26.31 -12.71 -5.19
N HIS A 28 -25.94 -13.89 -5.64
CA HIS A 28 -26.61 -15.14 -5.30
C HIS A 28 -26.46 -15.53 -3.82
N CSO A 29 -25.29 -15.26 -3.26
CA CSO A 29 -25.01 -15.61 -1.86
CB CSO A 29 -23.53 -16.00 -1.68
SG CSO A 29 -23.12 -17.49 -2.66
C CSO A 29 -25.38 -14.48 -0.91
O CSO A 29 -25.36 -14.67 0.32
OD CSO A 29 -23.23 -18.98 -1.66
N ALA A 30 -25.74 -13.32 -1.45
CA ALA A 30 -25.94 -12.12 -0.61
C ALA A 30 -26.96 -12.35 0.50
N THR A 31 -26.55 -12.10 1.74
CA THR A 31 -27.46 -12.13 2.88
C THR A 31 -27.73 -10.75 3.44
N ASP A 32 -27.12 -9.71 2.84
CA ASP A 32 -27.28 -8.33 3.24
C ASP A 32 -27.15 -7.48 1.97
N SER A 33 -27.51 -6.21 2.10
CA SER A 33 -27.26 -5.26 1.03
C SER A 33 -25.74 -5.06 0.82
N ILE A 34 -25.31 -5.17 -0.44
CA ILE A 34 -23.91 -5.00 -0.84
C ILE A 34 -23.77 -3.71 -1.63
N LEU A 35 -22.61 -3.06 -1.51
CA LEU A 35 -22.26 -1.90 -2.34
C LEU A 35 -21.31 -2.36 -3.44
N PHE A 36 -21.78 -2.37 -4.68
CA PHE A 36 -20.94 -2.75 -5.81
C PHE A 36 -20.34 -1.50 -6.44
N ILE A 37 -19.02 -1.52 -6.63
CA ILE A 37 -18.31 -0.50 -7.39
C ILE A 37 -17.87 -1.17 -8.69
N THR A 38 -18.55 -0.84 -9.79
CA THR A 38 -18.30 -1.59 -11.02
C THR A 38 -18.67 -0.70 -12.22
N GLY A 39 -19.04 -1.35 -13.33
CA GLY A 39 -19.46 -0.62 -14.51
C GLY A 39 -20.89 -0.94 -14.85
N GLU A 40 -21.53 -0.13 -15.69
CA GLU A 40 -22.88 -0.48 -16.13
C GLU A 40 -22.87 -1.74 -16.98
N ASP A 41 -21.74 -2.06 -17.63
CA ASP A 41 -21.64 -3.29 -18.41
C ASP A 41 -22.05 -4.50 -17.59
N TYR A 42 -21.76 -4.47 -16.29
CA TYR A 42 -22.10 -5.60 -15.42
C TYR A 42 -23.60 -5.74 -15.26
N LEU A 43 -24.37 -4.72 -15.65
CA LEU A 43 -25.81 -4.73 -15.52
C LEU A 43 -26.54 -5.00 -16.83
N SER A 44 -25.99 -4.63 -17.99
CA SER A 44 -26.66 -4.85 -19.26
C SER A 44 -26.40 -6.25 -19.83
N VAL A 45 -25.12 -6.63 -20.00
CA VAL A 45 -24.70 -7.79 -20.79
C VAL A 45 -25.70 -8.94 -20.87
N THR A 46 -26.55 -9.09 -19.84
CA THR A 46 -27.64 -10.06 -19.93
C THR A 46 -28.48 -9.87 -21.19
N ASP A 47 -28.39 -8.71 -21.83
CA ASP A 47 -29.09 -8.46 -23.09
C ASP A 47 -28.34 -9.08 -24.27
N ALA A 50 -25.93 -9.28 -26.56
CA ALA A 50 -26.61 -10.44 -27.12
C ALA A 50 -25.68 -11.64 -27.01
N GLN A 51 -24.75 -11.54 -26.07
CA GLN A 51 -23.66 -12.50 -25.92
C GLN A 51 -23.91 -13.44 -24.75
N ARG A 52 -25.03 -14.17 -24.79
CA ARG A 52 -25.27 -15.19 -23.79
C ARG A 52 -24.56 -16.53 -24.11
N ALA A 53 -23.63 -16.53 -25.07
CA ALA A 53 -22.77 -17.68 -25.33
C ALA A 53 -21.48 -17.67 -24.50
N ARG A 54 -21.37 -16.77 -23.51
CA ARG A 54 -20.22 -16.71 -22.62
C ARG A 54 -20.28 -17.81 -21.57
N TRP A 55 -19.11 -18.20 -21.08
CA TRP A 55 -19.05 -19.33 -20.15
C TRP A 55 -19.80 -19.04 -18.85
N GLU A 56 -19.91 -17.77 -18.44
CA GLU A 56 -20.58 -17.47 -17.18
C GLU A 56 -22.06 -17.84 -17.23
N PHE A 57 -22.64 -17.88 -18.42
CA PHE A 57 -24.02 -18.29 -18.61
C PHE A 57 -24.18 -19.79 -18.82
N ASP A 58 -23.10 -20.56 -18.77
CA ASP A 58 -23.20 -22.00 -19.01
C ASP A 58 -23.69 -22.72 -17.75
N PRO A 59 -24.71 -23.59 -17.87
CA PRO A 59 -25.22 -24.31 -16.69
C PRO A 59 -24.17 -25.11 -15.93
N ALA A 60 -23.18 -25.69 -16.62
CA ALA A 60 -22.08 -26.34 -15.93
C ALA A 60 -21.24 -25.33 -15.16
N SER A 61 -21.05 -24.13 -15.72
CA SER A 61 -20.40 -23.08 -14.94
C SER A 61 -21.18 -22.77 -13.67
N MET A 62 -22.49 -22.62 -13.78
CA MET A 62 -23.28 -22.22 -12.62
C MET A 62 -23.30 -23.32 -11.56
N ALA A 63 -23.48 -24.58 -11.98
CA ALA A 63 -23.54 -25.67 -11.01
C ALA A 63 -22.20 -25.84 -10.30
N SER A 64 -21.12 -25.72 -11.05
CA SER A 64 -19.80 -25.93 -10.46
C SER A 64 -19.43 -24.80 -9.49
N LEU A 65 -19.73 -23.54 -9.85
CA LEU A 65 -19.43 -22.40 -8.99
C LEU A 65 -20.56 -22.06 -8.02
N GLY A 66 -21.71 -22.72 -8.14
CA GLY A 66 -22.82 -22.57 -7.22
C GLY A 66 -23.48 -21.20 -7.19
N TYR A 67 -23.94 -20.72 -8.33
CA TYR A 67 -24.74 -19.50 -8.41
C TYR A 67 -25.84 -19.65 -9.46
N GLU A 68 -26.90 -18.87 -9.28
CA GLU A 68 -27.93 -18.70 -10.28
C GLU A 68 -27.82 -17.33 -10.92
N LEU A 69 -28.46 -17.18 -12.08
CA LEU A 69 -28.50 -15.87 -12.70
C LEU A 69 -29.37 -14.93 -11.87
N PRO A 70 -29.03 -13.65 -11.78
CA PRO A 70 -29.88 -12.72 -11.04
C PRO A 70 -31.05 -12.21 -11.88
N ASN A 71 -32.04 -11.68 -11.19
CA ASN A 71 -33.19 -11.02 -11.79
C ASN A 71 -33.26 -9.57 -11.29
N ALA A 72 -34.32 -8.86 -11.70
CA ALA A 72 -34.49 -7.46 -11.31
C ALA A 72 -34.57 -7.33 -9.79
N GLN A 73 -35.31 -8.23 -9.14
CA GLN A 73 -35.46 -8.18 -7.69
C GLN A 73 -34.13 -8.44 -7.00
N SER A 74 -33.45 -9.53 -7.36
CA SER A 74 -32.18 -9.89 -6.74
C SER A 74 -31.18 -8.73 -6.80
N MET A 75 -31.17 -7.99 -7.91
CA MET A 75 -30.17 -6.95 -8.08
C MET A 75 -30.57 -5.64 -7.42
N ALA A 76 -31.88 -5.39 -7.32
CA ALA A 76 -32.40 -4.15 -6.75
C ALA A 76 -32.22 -4.06 -5.25
N CYS A 77 -31.78 -5.16 -4.61
N CYS A 77 -31.79 -5.15 -4.60
CA CYS A 77 -31.51 -5.23 -3.19
CA CYS A 77 -31.56 -5.13 -3.16
C CYS A 77 -30.25 -4.47 -2.79
C CYS A 77 -30.27 -4.39 -2.79
N HIS A 78 -29.41 -4.09 -3.75
CA HIS A 78 -28.07 -3.58 -3.48
C HIS A 78 -27.90 -2.18 -4.02
N GLU A 79 -26.69 -1.64 -3.82
CA GLU A 79 -26.32 -0.30 -4.24
C GLU A 79 -25.18 -0.39 -5.24
N TYR A 80 -25.15 0.58 -6.17
CA TYR A 80 -24.23 0.54 -7.30
C TYR A 80 -23.57 1.90 -7.47
N LEU A 81 -22.24 1.89 -7.60
CA LEU A 81 -21.44 3.03 -8.00
C LEU A 81 -20.73 2.64 -9.28
N THR A 82 -20.97 3.38 -10.36
CA THR A 82 -20.46 2.97 -11.66
C THR A 82 -19.34 3.89 -12.11
N LEU A 83 -18.26 3.28 -12.57
CA LEU A 83 -17.11 4.01 -13.07
C LEU A 83 -17.33 4.41 -14.51
N ASP A 84 -16.76 5.55 -14.88
CA ASP A 84 -16.92 6.10 -16.21
C ASP A 84 -15.87 5.55 -17.16
N ASN A 85 -16.27 5.36 -18.42
CA ASN A 85 -15.36 4.85 -19.42
C ASN A 85 -14.32 5.89 -19.87
N ALA A 86 -14.62 7.18 -19.76
CA ALA A 86 -13.68 8.18 -20.26
C ALA A 86 -12.31 8.02 -19.59
N PHE A 87 -12.26 7.54 -18.35
CA PHE A 87 -10.97 7.33 -17.70
C PHE A 87 -10.21 6.19 -18.37
N TYR A 88 -10.93 5.17 -18.84
CA TYR A 88 -10.28 4.05 -19.52
C TYR A 88 -9.65 4.49 -20.82
N GLU A 89 -10.38 5.28 -21.63
CA GLU A 89 -9.80 5.84 -22.84
C GLU A 89 -8.54 6.65 -22.52
N THR A 90 -8.59 7.48 -21.48
CA THR A 90 -7.40 8.26 -21.14
C THR A 90 -6.26 7.37 -20.66
N LEU A 91 -6.58 6.34 -19.88
CA LEU A 91 -5.56 5.40 -19.43
C LEU A 91 -4.87 4.73 -20.62
N LEU A 92 -5.64 4.30 -21.62
CA LEU A 92 -5.01 3.63 -22.75
C LEU A 92 -3.96 4.54 -23.40
N SER A 93 -4.35 5.76 -23.75
CA SER A 93 -3.41 6.66 -24.42
C SER A 93 -2.21 6.96 -23.54
N ARG A 94 -2.35 6.86 -22.24
CA ARG A 94 -1.16 7.07 -21.42
C ARG A 94 -0.20 5.88 -21.47
N HIS A 95 -0.61 4.75 -22.05
CA HIS A 95 0.24 3.58 -22.23
C HIS A 95 0.32 3.18 -23.68
N HIS A 96 0.41 4.19 -24.55
CA HIS A 96 0.64 3.98 -25.97
C HIS A 96 -0.42 3.06 -26.56
N HIS A 97 -1.60 3.10 -25.96
CA HIS A 97 -2.77 2.38 -26.46
C HIS A 97 -2.63 0.88 -26.32
N ASP A 98 -1.75 0.42 -25.44
CA ASP A 98 -1.59 -1.00 -25.20
C ASP A 98 -2.49 -1.37 -24.04
N PRO A 99 -3.59 -2.11 -24.27
CA PRO A 99 -4.49 -2.44 -23.16
C PRO A 99 -3.87 -3.38 -22.13
N ILE A 100 -2.96 -4.26 -22.54
CA ILE A 100 -2.33 -5.15 -21.57
C ILE A 100 -1.39 -4.36 -20.65
N LYS A 101 -0.58 -3.47 -21.24
CA LYS A 101 0.27 -2.58 -20.44
C LYS A 101 -0.56 -1.75 -19.46
N SER A 102 -1.67 -1.17 -19.95
CA SER A 102 -2.56 -0.42 -19.07
C SER A 102 -3.08 -1.31 -17.94
N PHE A 103 -3.41 -2.57 -18.26
CA PHE A 103 -3.81 -3.56 -17.26
C PHE A 103 -2.72 -3.75 -16.21
N SER A 104 -1.47 -3.90 -16.66
CA SER A 104 -0.38 -4.04 -15.71
C SER A 104 -0.24 -2.81 -14.82
N ALA A 105 -0.36 -1.61 -15.41
CA ALA A 105 -0.30 -0.40 -14.59
C ALA A 105 -1.41 -0.39 -13.55
N PHE A 106 -2.63 -0.76 -13.96
CA PHE A 106 -3.79 -0.80 -13.06
C PHE A 106 -3.55 -1.71 -11.86
N LEU A 107 -2.83 -2.82 -12.08
CA LEU A 107 -2.59 -3.84 -11.07
C LEU A 107 -1.46 -3.49 -10.13
N THR A 108 -0.52 -2.66 -10.57
CA THR A 108 0.74 -2.47 -9.89
C THR A 108 1.12 -1.02 -9.65
N GLU A 109 0.34 -0.04 -10.11
CA GLU A 109 0.64 1.37 -9.87
C GLU A 109 -0.60 2.10 -9.36
N ARG A 110 -0.37 3.07 -8.48
CA ARG A 110 -1.38 4.08 -8.19
C ARG A 110 -1.71 4.88 -9.45
N ILE A 111 -2.99 5.09 -9.70
CA ILE A 111 -3.45 5.92 -10.80
C ILE A 111 -4.26 7.09 -10.21
N PRO A 112 -3.65 8.27 -10.12
CA PRO A 112 -4.30 9.37 -9.36
C PRO A 112 -5.69 9.74 -9.85
N ASP A 113 -5.92 9.76 -11.16
CA ASP A 113 -7.26 10.07 -11.64
C ASP A 113 -8.28 9.04 -11.16
N LEU A 114 -7.89 7.77 -11.03
CA LEU A 114 -8.86 6.76 -10.57
C LEU A 114 -9.15 6.94 -9.08
N GLU A 115 -8.12 7.26 -8.29
CA GLU A 115 -8.35 7.58 -6.89
C GLU A 115 -9.34 8.73 -6.75
N THR A 116 -9.19 9.76 -7.58
CA THR A 116 -10.11 10.90 -7.55
C THR A 116 -11.55 10.48 -7.86
N GLU A 117 -11.73 9.55 -8.81
CA GLU A 117 -13.08 9.12 -9.13
C GLU A 117 -13.67 8.23 -8.03
N LEU A 118 -12.87 7.29 -7.48
CA LEU A 118 -13.39 6.43 -6.42
C LEU A 118 -13.81 7.24 -5.20
N HIS A 119 -12.95 8.16 -4.75
CA HIS A 119 -13.32 9.10 -3.70
C HIS A 119 -14.64 9.82 -4.05
N ALA A 120 -14.74 10.37 -5.27
CA ALA A 120 -15.96 11.11 -5.62
C ALA A 120 -17.19 10.22 -5.57
N LEU A 121 -17.06 8.96 -5.98
CA LEU A 121 -18.20 8.03 -5.98
C LEU A 121 -18.58 7.63 -4.56
N LEU A 122 -17.59 7.30 -3.72
CA LEU A 122 -17.87 6.88 -2.35
C LEU A 122 -18.53 7.99 -1.55
N ASP A 123 -18.22 9.24 -1.90
CA ASP A 123 -18.75 10.43 -1.27
C ASP A 123 -20.03 10.94 -1.92
N SER A 124 -20.42 10.38 -3.07
CA SER A 124 -21.58 10.86 -3.81
C SER A 124 -22.86 10.79 -2.99
N LYS A 125 -22.91 9.88 -2.03
CA LYS A 125 -24.07 9.70 -1.17
C LYS A 125 -23.59 9.63 0.27
N LYS A 126 -24.13 10.50 1.12
CA LYS A 126 -23.69 10.53 2.50
C LYS A 126 -24.15 9.28 3.24
N GLY A 127 -23.32 8.82 4.17
CA GLY A 127 -23.56 7.58 4.84
C GLY A 127 -22.98 6.36 4.16
N ILE A 128 -22.68 6.45 2.86
CA ILE A 128 -22.09 5.32 2.15
C ILE A 128 -20.79 4.89 2.83
N ILE A 129 -19.85 5.83 2.99
CA ILE A 129 -18.52 5.46 3.49
C ILE A 129 -18.63 4.84 4.88
N ASP A 130 -19.49 5.38 5.74
CA ASP A 130 -19.54 4.88 7.10
C ASP A 130 -20.17 3.50 7.20
N GLN A 131 -20.84 3.04 6.16
CA GLN A 131 -21.48 1.74 6.16
C GLN A 131 -20.55 0.62 5.68
N ILE A 132 -19.38 0.96 5.16
CA ILE A 132 -18.44 -0.02 4.61
C ILE A 132 -17.61 -0.63 5.74
N ASP A 133 -17.68 -1.95 5.88
CA ASP A 133 -16.81 -2.65 6.82
C ASP A 133 -15.49 -3.10 6.21
N THR A 134 -15.48 -3.36 4.90
CA THR A 134 -14.24 -3.69 4.22
C THR A 134 -14.51 -3.58 2.72
N PHE A 135 -13.49 -3.20 1.99
CA PHE A 135 -13.52 -3.43 0.55
C PHE A 135 -13.17 -4.89 0.26
N ILE A 136 -13.72 -5.39 -0.84
CA ILE A 136 -13.30 -6.64 -1.44
C ILE A 136 -12.94 -6.34 -2.88
N SER A 137 -11.77 -6.81 -3.33
CA SER A 137 -11.30 -6.61 -4.68
C SER A 137 -10.87 -7.96 -5.25
N ILE A 138 -11.19 -8.20 -6.53
CA ILE A 138 -10.82 -9.46 -7.20
C ILE A 138 -9.39 -9.44 -7.74
N CYS A 139 -8.70 -8.31 -7.65
CA CYS A 139 -7.32 -8.18 -8.11
C CYS A 139 -6.66 -7.07 -7.30
N ASN A 140 -5.34 -7.04 -7.34
CA ASN A 140 -4.60 -5.91 -6.76
C ASN A 140 -4.98 -4.62 -7.48
N CYS A 141 -4.95 -3.53 -6.71
CA CYS A 141 -5.30 -2.24 -7.29
C CYS A 141 -4.80 -1.13 -6.38
N PRO A 142 -3.55 -0.69 -6.54
CA PRO A 142 -3.02 0.35 -5.64
C PRO A 142 -3.85 1.63 -5.62
N SER A 143 -4.52 2.00 -6.72
CA SER A 143 -5.46 3.12 -6.62
C SER A 143 -6.45 2.88 -5.48
N LEU A 144 -7.16 1.74 -5.53
CA LEU A 144 -8.18 1.47 -4.52
C LEU A 144 -7.57 1.36 -3.13
N GLU A 145 -6.38 0.75 -3.04
CA GLU A 145 -5.76 0.49 -1.74
C GLU A 145 -5.35 1.79 -1.05
N HIS A 146 -4.85 2.74 -1.83
CA HIS A 146 -4.55 4.08 -1.33
C HIS A 146 -5.82 4.76 -0.79
N VAL A 147 -6.90 4.70 -1.57
CA VAL A 147 -8.20 5.20 -1.12
C VAL A 147 -8.61 4.56 0.20
N ALA A 148 -8.46 3.23 0.31
CA ALA A 148 -8.84 2.53 1.53
C ALA A 148 -8.03 3.01 2.74
N ARG A 149 -6.72 3.20 2.58
CA ARG A 149 -5.90 3.72 3.68
C ARG A 149 -6.45 5.05 4.17
N THR A 150 -6.79 5.94 3.24
CA THR A 150 -7.27 7.26 3.62
C THR A 150 -8.54 7.17 4.43
N LEU A 151 -9.46 6.28 4.03
CA LEU A 151 -10.74 6.15 4.71
C LEU A 151 -10.68 5.23 5.92
N GLY A 152 -9.57 4.53 6.14
CA GLY A 152 -9.48 3.61 7.27
C GLY A 152 -10.11 2.25 7.04
N LYS A 153 -10.15 1.76 5.81
CA LYS A 153 -10.82 0.50 5.49
C LYS A 153 -9.83 -0.54 5.00
N GLU A 154 -10.07 -1.78 5.37
CA GLU A 154 -9.22 -2.86 4.87
C GLU A 154 -9.66 -3.28 3.46
N VAL A 155 -8.79 -4.02 2.78
CA VAL A 155 -9.06 -4.54 1.43
C VAL A 155 -8.73 -6.02 1.40
N MET A 156 -9.76 -6.87 1.36
CA MET A 156 -9.58 -8.29 1.12
C MET A 156 -9.53 -8.55 -0.37
N HIS A 157 -8.40 -9.06 -0.84
CA HIS A 157 -8.26 -9.52 -2.21
C HIS A 157 -8.69 -10.99 -2.29
N ILE A 158 -9.54 -11.30 -3.27
CA ILE A 158 -10.28 -12.55 -3.29
C ILE A 158 -10.38 -13.04 -4.72
N GLU A 159 -10.21 -14.35 -4.91
CA GLU A 159 -10.21 -14.94 -6.25
C GLU A 159 -10.47 -16.43 -6.10
N ILE A 160 -10.78 -17.09 -7.22
CA ILE A 160 -10.80 -18.55 -7.19
C ILE A 160 -9.38 -19.03 -6.97
N GLY A 161 -9.23 -20.12 -6.21
CA GLY A 161 -7.93 -20.59 -5.81
C GLY A 161 -7.25 -21.54 -6.79
N PRO A 162 -6.14 -22.12 -6.37
CA PRO A 162 -5.38 -23.02 -7.26
C PRO A 162 -5.96 -24.42 -7.37
N LEU A 163 -6.87 -24.81 -6.49
CA LEU A 163 -7.53 -26.11 -6.56
C LEU A 163 -9.00 -25.91 -6.88
N ARG A 164 -9.49 -26.56 -7.91
CA ARG A 164 -10.84 -26.29 -8.41
C ARG A 164 -11.57 -27.59 -8.74
N ALA A 165 -12.90 -27.49 -8.69
CA ALA A 165 -13.76 -28.58 -9.14
C ALA A 165 -13.65 -28.74 -10.66
N PRO A 166 -13.86 -29.97 -11.18
CA PRO A 166 -14.23 -31.19 -10.46
C PRO A 166 -13.07 -31.97 -9.82
N MET A 167 -11.79 -31.72 -10.13
CA MET A 167 -10.72 -32.54 -9.55
C MET A 167 -10.60 -32.35 -8.05
N TYR A 168 -10.84 -31.13 -7.53
CA TYR A 168 -10.59 -30.80 -6.13
C TYR A 168 -11.84 -30.18 -5.50
N ARG A 169 -11.84 -30.11 -4.17
CA ARG A 169 -12.72 -29.17 -3.50
C ARG A 169 -12.42 -27.77 -4.01
N ASN A 170 -13.47 -27.00 -4.29
CA ASN A 170 -13.25 -25.60 -4.65
C ASN A 170 -12.54 -24.87 -3.53
N THR A 171 -11.50 -24.13 -3.90
CA THR A 171 -10.83 -23.24 -2.98
C THR A 171 -10.88 -21.82 -3.53
N ALA A 172 -10.60 -20.87 -2.65
CA ALA A 172 -10.49 -19.46 -3.01
C ALA A 172 -9.31 -18.86 -2.27
N TYR A 173 -8.83 -17.73 -2.80
CA TYR A 173 -7.86 -16.89 -2.11
C TYR A 173 -8.57 -15.82 -1.29
N LEU A 174 -7.99 -15.47 -0.15
CA LEU A 174 -8.40 -14.29 0.61
C LEU A 174 -7.15 -13.74 1.26
N ASP A 175 -6.69 -12.58 0.78
CA ASP A 175 -5.40 -12.01 1.14
C ASP A 175 -5.59 -10.52 1.39
N PHE A 176 -5.17 -10.05 2.56
CA PHE A 176 -5.29 -8.64 2.87
C PHE A 176 -4.24 -7.78 2.17
N ALA A 177 -3.12 -8.38 1.74
CA ALA A 177 -2.07 -7.60 1.10
C ALA A 177 -2.15 -7.63 -0.42
N GLY A 178 -2.48 -8.78 -1.02
CA GLY A 178 -2.51 -8.94 -2.47
C GLY A 178 -2.78 -10.38 -2.89
N VAL A 179 -3.50 -10.58 -4.01
CA VAL A 179 -3.84 -11.90 -4.53
C VAL A 179 -2.96 -12.17 -5.76
N ASN A 180 -2.42 -13.40 -5.84
CA ASN A 180 -1.42 -13.80 -6.83
C ASN A 180 -0.10 -13.05 -6.71
N GLY A 181 -0.09 -11.74 -6.91
CA GLY A 181 1.12 -10.94 -6.66
C GLY A 181 1.13 -10.36 -5.26
N GLY A 182 2.33 -10.23 -4.69
CA GLY A 182 2.47 -9.61 -3.38
C GLY A 182 1.65 -10.24 -2.28
N THR A 183 1.56 -11.58 -2.28
CA THR A 183 0.71 -12.22 -1.30
C THR A 183 1.33 -12.16 0.08
N GLU A 184 0.55 -12.59 1.07
CA GLU A 184 1.00 -12.62 2.45
C GLU A 184 1.05 -14.05 3.00
N ALA A 185 0.91 -15.04 2.12
CA ALA A 185 0.90 -16.43 2.56
C ALA A 185 2.23 -16.80 3.21
N SER A 186 3.32 -16.39 2.59
CA SER A 186 4.64 -16.66 3.16
C SER A 186 4.78 -16.07 4.56
N ALA A 187 4.36 -14.82 4.74
CA ALA A 187 4.52 -14.17 6.04
C ALA A 187 3.65 -14.85 7.10
N ARG A 188 2.44 -15.26 6.73
CA ARG A 188 1.60 -15.95 7.70
C ARG A 188 2.24 -17.26 8.14
N TYR A 189 2.78 -18.04 7.19
CA TYR A 189 3.46 -19.29 7.52
C TYR A 189 4.65 -19.10 8.45
N GLU A 190 5.50 -18.10 8.18
CA GLU A 190 6.72 -17.98 8.96
C GLU A 190 6.48 -17.62 10.42
N LYS A 191 5.25 -17.30 10.80
CA LYS A 191 4.95 -17.04 12.21
C LYS A 191 4.43 -18.30 12.95
N CSO A 192 4.05 -19.32 12.19
CA CSO A 192 3.63 -20.61 12.73
CB CSO A 192 2.29 -21.06 12.16
SG CSO A 192 1.03 -19.88 12.60
C CSO A 192 4.64 -21.73 12.51
O CSO A 192 4.37 -22.88 12.87
OD CSO A 192 -0.14 -20.60 13.74
N GLN A 193 5.77 -21.41 11.90
CA GLN A 193 6.79 -22.40 11.59
C GLN A 193 7.35 -23.06 12.86
N ALA A 194 7.38 -22.31 13.95
CA ALA A 194 7.86 -22.83 15.23
C ALA A 194 7.10 -24.11 15.61
N GLU A 195 5.80 -23.97 15.87
CA GLU A 195 4.98 -25.07 16.42
C GLU A 195 4.29 -25.86 15.32
N PHE A 196 5.03 -26.29 14.30
CA PHE A 196 4.43 -27.00 13.19
C PHE A 196 5.12 -28.34 12.98
N ASP A 197 4.37 -29.43 13.14
CA ASP A 197 4.87 -30.76 12.79
C ASP A 197 3.67 -31.57 12.33
N ILE A 198 3.43 -31.53 11.02
CA ILE A 198 2.38 -32.32 10.41
C ILE A 198 2.88 -33.75 10.27
N LYS A 199 2.13 -34.70 10.80
CA LYS A 199 2.54 -36.09 10.72
C LYS A 199 2.09 -36.76 9.43
N ALA A 200 1.07 -36.21 8.79
CA ALA A 200 0.60 -36.71 7.52
C ALA A 200 1.67 -36.58 6.44
N SER A 201 1.59 -37.43 5.43
CA SER A 201 2.49 -37.36 4.29
C SER A 201 1.92 -36.41 3.23
N LEU A 202 2.77 -36.05 2.27
CA LEU A 202 2.33 -35.19 1.17
C LEU A 202 1.14 -35.77 0.43
N GLY A 203 1.12 -37.10 0.23
CA GLY A 203 0.02 -37.72 -0.48
C GLY A 203 -1.28 -37.63 0.29
N ASP A 204 -1.21 -37.71 1.61
CA ASP A 204 -2.41 -37.51 2.44
C ASP A 204 -3.00 -36.13 2.22
N LEU A 205 -2.16 -35.09 2.23
CA LEU A 205 -2.65 -33.74 1.99
C LEU A 205 -3.33 -33.66 0.64
N HIS A 206 -2.64 -34.13 -0.39
CA HIS A 206 -3.22 -34.06 -1.72
C HIS A 206 -4.55 -34.80 -1.78
N ASN A 207 -4.60 -36.01 -1.20
CA ASN A 207 -5.84 -36.81 -1.25
C ASN A 207 -6.98 -36.13 -0.52
N TYR A 208 -6.70 -35.39 0.56
CA TYR A 208 -7.77 -34.72 1.29
C TYR A 208 -8.56 -33.76 0.39
N PHE A 209 -7.89 -33.11 -0.58
CA PHE A 209 -8.54 -32.13 -1.44
C PHE A 209 -8.99 -32.70 -2.79
N LEU A 210 -8.45 -33.85 -3.17
CA LEU A 210 -8.90 -34.54 -4.37
C LEU A 210 -10.31 -35.09 -4.20
N GLU A 211 -11.15 -34.87 -5.20
CA GLU A 211 -12.44 -35.51 -5.25
C GLU A 211 -12.39 -36.91 -5.84
N VAL A 212 -11.34 -37.23 -6.59
CA VAL A 212 -11.13 -38.58 -7.09
C VAL A 212 -9.79 -39.07 -6.56
N LEU A 213 -9.52 -40.35 -6.77
CA LEU A 213 -8.23 -40.96 -6.45
C LEU A 213 -7.15 -40.53 -7.44
N PRO A 214 -5.91 -40.40 -6.99
CA PRO A 214 -4.83 -39.98 -7.90
C PRO A 214 -4.62 -41.01 -8.99
N PRO A 215 -4.13 -40.61 -10.16
CA PRO A 215 -3.91 -41.56 -11.26
C PRO A 215 -2.87 -42.62 -10.94
N ALA A 216 -3.01 -43.77 -11.59
CA ALA A 216 -1.99 -44.81 -11.48
C ALA A 216 -0.70 -44.38 -12.18
N GLU A 217 0.35 -45.18 -12.01
CA GLU A 217 1.65 -44.88 -12.63
C GLU A 217 1.52 -44.84 -14.16
N ALA A 218 2.23 -43.89 -14.79
CA ALA A 218 2.11 -43.63 -16.22
C ALA A 218 2.78 -44.67 -17.09
N ALA A 219 3.80 -45.36 -16.56
CA ALA A 219 4.57 -46.34 -17.33
C ALA A 219 5.64 -45.64 -18.14
N THR A 220 5.23 -44.75 -19.05
CA THR A 220 6.17 -43.94 -19.81
C THR A 220 6.18 -42.51 -19.29
N HIS A 221 7.38 -41.96 -19.15
CA HIS A 221 7.59 -40.64 -18.58
C HIS A 221 8.34 -39.76 -19.56
N SER A 222 8.29 -38.46 -19.28
CA SER A 222 9.13 -37.46 -19.94
C SER A 222 9.98 -36.76 -18.90
N ALA A 223 11.27 -36.62 -19.22
CA ALA A 223 12.20 -35.94 -18.31
C ALA A 223 11.65 -34.61 -17.77
N ALA A 224 11.00 -33.80 -18.62
CA ALA A 224 10.58 -32.46 -18.22
C ALA A 224 9.21 -32.11 -18.80
N GLY A 225 8.30 -31.68 -17.93
CA GLY A 225 7.00 -31.13 -18.34
C GLY A 225 6.99 -29.62 -18.26
N VAL A 226 6.31 -28.99 -19.22
CA VAL A 226 6.21 -27.53 -19.29
C VAL A 226 4.73 -27.16 -19.20
N VAL A 227 4.37 -26.43 -18.15
CA VAL A 227 3.02 -25.90 -17.99
C VAL A 227 2.96 -24.57 -18.70
N LEU A 228 2.06 -24.44 -19.65
CA LEU A 228 1.80 -23.14 -20.26
C LEU A 228 0.55 -22.53 -19.64
N GLN A 229 0.48 -21.21 -19.61
CA GLN A 229 -0.63 -20.50 -19.00
C GLN A 229 -1.35 -19.60 -20.00
N VAL A 230 -2.39 -18.93 -19.52
CA VAL A 230 -3.17 -17.97 -20.30
C VAL A 230 -2.38 -16.68 -20.46
N GLU A 231 -2.21 -16.25 -21.70
CA GLU A 231 -1.24 -15.21 -22.03
C GLU A 231 -1.56 -13.87 -21.38
N ASP A 232 -2.85 -13.53 -21.23
CA ASP A 232 -3.25 -12.24 -20.68
C ASP A 232 -3.92 -12.37 -19.31
N CYS A 233 -3.58 -13.41 -18.55
CA CYS A 233 -3.94 -13.46 -17.15
C CYS A 233 -2.99 -12.59 -16.33
N SER A 234 -3.54 -11.90 -15.34
CA SER A 234 -2.73 -11.05 -14.46
C SER A 234 -1.44 -11.74 -14.00
N ASN A 235 -1.44 -13.08 -13.87
CA ASN A 235 -0.24 -13.82 -13.49
C ASN A 235 0.85 -13.75 -14.56
N LEU A 236 0.47 -13.70 -15.83
CA LEU A 236 1.49 -13.72 -16.88
C LEU A 236 1.84 -12.34 -17.38
N ILE A 237 1.12 -11.31 -16.99
CA ILE A 237 1.43 -9.97 -17.47
C ILE A 237 1.99 -9.06 -16.37
N ALA A 238 1.67 -9.28 -15.10
CA ALA A 238 2.21 -8.46 -14.03
C ALA A 238 3.09 -9.18 -13.02
N TYR A 239 2.84 -10.47 -12.76
CA TYR A 239 3.52 -11.17 -11.67
C TYR A 239 4.55 -12.18 -12.18
N ASN A 240 4.96 -12.04 -13.43
CA ASN A 240 5.64 -13.07 -14.18
C ASN A 240 7.16 -12.93 -14.18
N HIS A 241 7.68 -11.91 -13.49
CA HIS A 241 9.10 -11.56 -13.55
C HIS A 241 9.59 -11.48 -14.98
N ASP A 242 8.73 -10.99 -15.87
CA ASP A 242 9.06 -10.81 -17.28
C ASP A 242 9.03 -12.09 -18.11
N PHE A 243 8.87 -13.25 -17.47
CA PHE A 243 8.80 -14.49 -18.24
C PHE A 243 7.47 -14.59 -18.99
N THR A 244 7.53 -15.24 -20.15
CA THR A 244 6.38 -15.53 -20.97
C THR A 244 6.39 -17.03 -21.27
N ASN A 245 5.31 -17.52 -21.88
CA ASN A 245 5.28 -18.92 -22.33
C ASN A 245 6.49 -19.25 -23.20
N ILE A 246 6.82 -18.39 -24.17
CA ILE A 246 7.86 -18.79 -25.11
C ILE A 246 9.24 -18.76 -24.45
N SER A 247 9.46 -17.84 -23.51
CA SER A 247 10.75 -17.82 -22.83
C SER A 247 10.84 -18.90 -21.77
N LEU A 248 9.70 -19.28 -21.17
CA LEU A 248 9.65 -20.50 -20.36
C LEU A 248 10.07 -21.71 -21.18
N LEU A 249 9.52 -21.87 -22.38
CA LEU A 249 9.98 -22.94 -23.25
C LEU A 249 11.47 -22.84 -23.51
N SER A 250 11.96 -21.64 -23.82
CA SER A 250 13.38 -21.50 -24.07
C SER A 250 14.19 -21.87 -22.83
N TYR A 251 13.77 -21.44 -21.64
CA TYR A 251 14.43 -21.81 -20.40
C TYR A 251 14.63 -23.31 -20.29
N VAL A 252 13.57 -24.08 -20.59
CA VAL A 252 13.65 -25.54 -20.52
C VAL A 252 14.57 -26.07 -21.62
N ARG A 253 14.48 -25.53 -22.83
CA ARG A 253 15.36 -25.99 -23.91
C ARG A 253 16.84 -25.74 -23.64
N GLN A 254 17.20 -24.89 -22.67
CA GLN A 254 18.61 -24.79 -22.28
C GLN A 254 19.07 -26.01 -21.51
N ARG A 255 18.14 -26.84 -21.04
CA ARG A 255 18.44 -27.97 -20.17
C ARG A 255 18.07 -29.32 -20.76
N TYR A 256 16.99 -29.43 -21.54
CA TYR A 256 16.57 -30.70 -22.11
C TYR A 256 16.51 -30.64 -23.63
N GLU A 257 16.86 -31.77 -24.24
CA GLU A 257 16.64 -31.97 -25.67
C GLU A 257 15.15 -31.96 -25.99
N LYS A 258 14.83 -31.62 -27.24
CA LYS A 258 13.43 -31.61 -27.67
C LYS A 258 12.72 -32.91 -27.32
N GLU A 259 13.42 -34.04 -27.46
CA GLU A 259 12.83 -35.37 -27.31
C GLU A 259 12.33 -35.64 -25.90
N ASP A 260 12.76 -34.86 -24.92
CA ASP A 260 12.51 -35.09 -23.50
C ASP A 260 11.59 -34.05 -22.90
N ILE A 261 10.95 -33.23 -23.73
CA ILE A 261 10.07 -32.16 -23.28
C ILE A 261 8.65 -32.54 -23.65
N LEU A 262 7.77 -32.49 -22.67
CA LEU A 262 6.33 -32.66 -22.85
C LEU A 262 5.67 -31.35 -22.44
N VAL A 263 4.86 -30.80 -23.33
CA VAL A 263 4.28 -29.48 -23.16
C VAL A 263 2.76 -29.62 -23.10
N ARG A 264 2.15 -28.93 -22.15
CA ARG A 264 0.69 -28.88 -22.07
C ARG A 264 0.27 -27.42 -22.12
N ALA A 265 -0.44 -27.05 -23.20
CA ALA A 265 -1.09 -25.76 -23.31
C ALA A 265 -2.23 -25.64 -22.30
N HIS A 266 -2.50 -24.41 -21.91
CA HIS A 266 -3.64 -24.16 -21.02
C HIS A 266 -4.95 -24.29 -21.79
N PRO A 267 -5.95 -25.02 -21.25
CA PRO A 267 -7.25 -25.15 -21.97
C PRO A 267 -8.00 -23.85 -22.15
N GLY A 268 -7.73 -22.83 -21.30
CA GLY A 268 -8.35 -21.54 -21.41
C GLY A 268 -7.63 -20.56 -22.33
N SER A 269 -6.49 -20.97 -22.89
CA SER A 269 -5.70 -20.08 -23.73
C SER A 269 -6.25 -20.05 -25.14
N LEU A 270 -6.02 -18.93 -25.82
CA LEU A 270 -6.44 -18.79 -27.20
C LEU A 270 -5.58 -19.60 -28.15
N PHE A 271 -4.40 -20.02 -27.71
CA PHE A 271 -3.42 -20.68 -28.56
C PHE A 271 -3.25 -22.13 -28.16
N ARG A 272 -2.95 -22.97 -29.14
CA ARG A 272 -2.56 -24.35 -28.87
C ARG A 272 -1.23 -24.62 -29.57
N LEU A 273 -0.58 -25.71 -29.16
CA LEU A 273 0.72 -26.08 -29.70
C LEU A 273 0.57 -26.80 -31.04
N ARG A 274 1.47 -26.52 -31.96
CA ARG A 274 1.48 -27.33 -33.17
C ARG A 274 2.19 -28.66 -32.87
N ASP A 275 1.94 -29.64 -33.72
CA ASP A 275 2.29 -31.03 -33.38
C ASP A 275 3.70 -31.43 -33.73
N ASP A 276 4.29 -30.83 -34.75
CA ASP A 276 5.52 -31.34 -35.35
C ASP A 276 6.78 -30.89 -34.62
N VAL A 277 6.67 -30.28 -33.45
CA VAL A 277 7.86 -29.75 -32.80
C VAL A 277 8.12 -30.52 -31.51
N PHE A 278 7.32 -30.26 -30.49
CA PHE A 278 7.42 -30.99 -29.23
C PHE A 278 6.36 -32.08 -29.16
N THR A 279 6.55 -32.96 -28.19
CA THR A 279 5.47 -33.85 -27.79
C THR A 279 4.45 -33.06 -27.01
N ILE A 280 3.19 -33.09 -27.46
CA ILE A 280 2.14 -32.26 -26.90
C ILE A 280 1.27 -33.12 -26.00
N ASP A 281 1.13 -32.72 -24.74
CA ASP A 281 0.30 -33.48 -23.83
C ASP A 281 -1.15 -33.49 -24.30
N ASP A 282 -1.83 -34.60 -24.04
CA ASP A 282 -3.24 -34.78 -24.39
C ASP A 282 -4.06 -35.27 -23.21
N SER A 283 -3.56 -35.12 -21.98
CA SER A 283 -4.24 -35.69 -20.83
C SER A 283 -5.56 -34.99 -20.59
N ALA A 284 -6.50 -35.71 -19.98
CA ALA A 284 -7.81 -35.12 -19.71
C ALA A 284 -7.75 -34.03 -18.65
N ASN A 285 -6.66 -33.93 -17.90
CA ASN A 285 -6.51 -32.96 -16.83
C ASN A 285 -5.04 -32.80 -16.50
N SER A 286 -4.69 -31.71 -15.81
CA SER A 286 -3.27 -31.42 -15.58
C SER A 286 -2.61 -32.41 -14.62
N LEU A 287 -3.36 -33.09 -13.75
CA LEU A 287 -2.72 -34.07 -12.89
C LEU A 287 -2.27 -35.29 -13.68
N ALA A 288 -3.05 -35.70 -14.69
CA ALA A 288 -2.63 -36.84 -15.51
C ALA A 288 -1.42 -36.46 -16.37
N PHE A 289 -1.28 -35.18 -16.69
CA PHE A 289 -0.09 -34.71 -17.38
C PHE A 289 1.12 -34.70 -16.43
N ILE A 290 0.95 -34.14 -15.24
CA ILE A 290 1.99 -34.11 -14.21
C ILE A 290 2.51 -35.52 -13.93
N ASN A 291 1.58 -36.48 -13.91
CA ASN A 291 1.88 -37.84 -13.46
C ASN A 291 2.97 -38.49 -14.32
N GLN A 292 3.10 -38.07 -15.57
CA GLN A 292 4.09 -38.66 -16.47
C GLN A 292 5.30 -37.76 -16.73
N CYS A 293 5.64 -36.89 -15.78
CA CYS A 293 6.82 -36.04 -15.90
C CYS A 293 7.74 -36.26 -14.70
N ASN A 294 9.05 -36.21 -14.96
CA ASN A 294 10.00 -36.35 -13.87
C ASN A 294 10.20 -35.03 -13.14
N GLU A 295 10.18 -33.91 -13.85
CA GLU A 295 10.14 -32.62 -13.17
C GLU A 295 9.30 -31.67 -14.01
N VAL A 296 8.82 -30.62 -13.34
CA VAL A 296 7.82 -29.72 -13.89
C VAL A 296 8.37 -28.30 -13.90
N PHE A 297 8.06 -27.56 -14.97
CA PHE A 297 8.49 -26.17 -15.12
C PHE A 297 7.28 -25.28 -15.33
N THR A 298 7.19 -24.19 -14.57
CA THR A 298 6.08 -23.25 -14.70
C THR A 298 6.57 -21.85 -14.36
N ILE A 299 5.84 -20.85 -14.88
CA ILE A 299 5.99 -19.47 -14.44
C ILE A 299 5.28 -19.30 -13.10
N ASN A 300 3.94 -19.39 -13.10
CA ASN A 300 3.25 -19.34 -11.81
C ASN A 300 1.83 -19.89 -11.91
N SER A 301 1.71 -21.02 -12.60
CA SER A 301 0.42 -21.65 -12.82
C SER A 301 -0.03 -22.41 -11.58
N SER A 302 -1.36 -22.44 -11.36
CA SER A 302 -1.91 -23.29 -10.31
C SER A 302 -1.33 -24.71 -10.39
N VAL A 303 -1.04 -25.22 -11.59
CA VAL A 303 -0.54 -26.58 -11.75
C VAL A 303 0.77 -26.78 -11.00
N GLY A 304 1.54 -25.71 -10.80
CA GLY A 304 2.75 -25.81 -10.00
C GLY A 304 2.50 -26.36 -8.61
N LEU A 305 1.42 -25.92 -7.97
CA LEU A 305 1.09 -26.45 -6.65
C LEU A 305 0.72 -27.93 -6.72
N GLU A 306 0.00 -28.33 -7.76
CA GLU A 306 -0.26 -29.75 -8.00
C GLU A 306 1.05 -30.53 -8.08
N ALA A 307 2.02 -29.99 -8.81
CA ALA A 307 3.29 -30.67 -8.98
C ALA A 307 3.99 -30.86 -7.63
N ILE A 308 4.03 -29.80 -6.82
CA ILE A 308 4.63 -29.95 -5.50
C ILE A 308 3.86 -30.96 -4.67
N LEU A 309 2.53 -30.86 -4.65
CA LEU A 309 1.74 -31.77 -3.82
C LEU A 309 1.92 -33.23 -4.20
N THR A 310 2.36 -33.54 -5.42
CA THR A 310 2.66 -34.91 -5.81
C THR A 310 4.14 -35.26 -5.68
N GLY A 311 4.94 -34.42 -5.04
CA GLY A 311 6.33 -34.74 -4.81
C GLY A 311 7.26 -34.60 -5.99
N LYS A 312 6.86 -33.88 -7.04
CA LYS A 312 7.70 -33.65 -8.22
C LYS A 312 8.63 -32.45 -8.00
N LYS A 313 9.88 -32.58 -8.46
CA LYS A 313 10.76 -31.42 -8.56
C LYS A 313 10.14 -30.39 -9.50
N THR A 314 9.99 -29.15 -9.00
CA THR A 314 9.26 -28.09 -9.70
C THR A 314 10.13 -26.84 -9.76
N THR A 315 10.13 -26.17 -10.92
CA THR A 315 10.76 -24.87 -11.08
C THR A 315 9.67 -23.82 -11.25
N VAL A 316 9.73 -22.78 -10.43
CA VAL A 316 8.68 -21.76 -10.37
C VAL A 316 9.38 -20.44 -10.61
N LEU A 317 9.17 -19.89 -11.79
CA LEU A 317 9.93 -18.74 -12.24
C LEU A 317 9.31 -17.40 -11.89
N GLY A 318 8.00 -17.34 -11.67
CA GLY A 318 7.32 -16.10 -11.37
C GLY A 318 6.89 -15.98 -9.92
N ASP A 319 6.29 -14.84 -9.60
CA ASP A 319 5.73 -14.62 -8.28
C ASP A 319 4.35 -15.26 -8.17
N CYS A 320 4.08 -15.89 -7.03
CA CYS A 320 2.77 -16.49 -6.81
C CYS A 320 2.61 -16.90 -5.35
N SER A 321 1.40 -17.32 -5.02
CA SER A 321 1.04 -17.52 -3.64
C SER A 321 1.81 -18.67 -3.00
N TYR A 322 2.15 -19.71 -3.77
CA TYR A 322 2.77 -20.92 -3.24
C TYR A 322 4.27 -20.96 -3.43
N ALA A 323 4.88 -19.93 -4.03
CA ALA A 323 6.32 -19.97 -4.33
C ALA A 323 7.14 -20.27 -3.09
N PHE A 324 6.78 -19.67 -1.95
CA PHE A 324 7.59 -19.88 -0.76
C PHE A 324 7.72 -21.37 -0.41
N ILE A 325 6.70 -22.19 -0.71
CA ILE A 325 6.81 -23.62 -0.42
C ILE A 325 7.96 -24.23 -1.22
N ASN A 326 8.02 -23.90 -2.51
CA ASN A 326 9.05 -24.45 -3.39
C ASN A 326 10.44 -23.98 -2.99
N GLU A 327 10.56 -22.87 -2.26
CA GLU A 327 11.86 -22.36 -1.84
C GLU A 327 12.41 -23.07 -0.61
N LEU A 328 11.63 -23.95 0.03
CA LEU A 328 12.17 -24.74 1.12
C LEU A 328 12.98 -25.90 0.58
N ALA A 329 13.96 -26.34 1.37
CA ALA A 329 14.95 -27.32 0.95
C ALA A 329 14.50 -28.76 1.16
N GLY A 330 13.68 -29.03 2.17
CA GLY A 330 13.35 -30.40 2.48
C GLY A 330 11.91 -30.84 2.27
N ALA A 331 11.73 -32.15 2.10
CA ALA A 331 10.40 -32.74 1.98
C ALA A 331 9.54 -32.48 3.22
N SER A 332 10.15 -32.54 4.42
CA SER A 332 9.38 -32.35 5.66
C SER A 332 8.98 -30.89 5.84
N ALA A 333 9.93 -29.96 5.67
CA ALA A 333 9.56 -28.54 5.64
C ALA A 333 8.51 -28.28 4.58
N THR A 334 8.64 -28.95 3.44
CA THR A 334 7.67 -28.82 2.36
C THR A 334 6.28 -29.28 2.82
N VAL A 335 6.17 -30.48 3.40
CA VAL A 335 4.85 -30.93 3.87
C VAL A 335 4.23 -29.90 4.82
N ASN A 336 4.99 -29.50 5.85
CA ASN A 336 4.49 -28.55 6.85
C ASN A 336 3.98 -27.26 6.21
N ALA A 337 4.81 -26.65 5.36
CA ALA A 337 4.41 -25.45 4.65
C ALA A 337 3.18 -25.71 3.78
N ALA A 338 3.14 -26.87 3.13
CA ALA A 338 2.03 -27.20 2.25
C ALA A 338 0.74 -27.36 3.05
N ALA A 339 0.80 -28.07 4.18
CA ALA A 339 -0.37 -28.19 5.02
C ALA A 339 -0.92 -26.83 5.41
N PHE A 340 -0.03 -25.92 5.88
CA PHE A 340 -0.50 -24.59 6.29
C PHE A 340 -1.12 -23.83 5.12
N TYR A 341 -0.53 -23.94 3.93
CA TYR A 341 -1.07 -23.28 2.75
C TYR A 341 -2.48 -23.79 2.42
N LEU A 342 -2.65 -25.12 2.43
CA LEU A 342 -3.93 -25.72 2.03
C LEU A 342 -5.03 -25.46 3.04
N PHE A 343 -4.73 -25.53 4.35
CA PHE A 343 -5.75 -25.45 5.40
C PHE A 343 -5.93 -24.07 6.01
N SER A 344 -4.94 -23.17 5.91
CA SER A 344 -5.13 -21.85 6.52
C SER A 344 -5.11 -20.71 5.52
N TYR A 345 -4.22 -20.74 4.52
CA TYR A 345 -4.19 -19.69 3.51
C TYR A 345 -5.37 -19.82 2.55
N LEU A 346 -5.51 -20.97 1.87
CA LEU A 346 -6.67 -21.22 1.00
C LEU A 346 -7.96 -21.29 1.82
N VAL A 347 -9.04 -20.74 1.29
CA VAL A 347 -10.36 -20.73 1.93
C VAL A 347 -11.30 -21.67 1.16
N PRO A 348 -12.18 -22.40 1.84
CA PRO A 348 -13.25 -23.11 1.10
C PRO A 348 -14.02 -22.10 0.27
N PHE A 349 -14.19 -22.42 -1.01
CA PHE A 349 -14.68 -21.47 -2.01
C PHE A 349 -15.91 -20.66 -1.55
N ASP A 350 -16.96 -21.33 -1.09
CA ASP A 350 -18.19 -20.62 -0.77
C ASP A 350 -17.97 -19.61 0.35
N LEU A 351 -17.03 -19.85 1.27
CA LEU A 351 -16.92 -18.98 2.45
C LEU A 351 -16.55 -17.55 2.09
N VAL A 352 -15.66 -17.33 1.10
CA VAL A 352 -15.30 -15.95 0.76
C VAL A 352 -16.49 -15.14 0.24
N PHE A 353 -17.63 -15.77 -0.04
CA PHE A 353 -18.84 -15.07 -0.42
C PHE A 353 -19.84 -15.04 0.71
N ASN A 354 -19.45 -15.50 1.89
CA ASN A 354 -20.30 -15.57 3.06
C ASN A 354 -20.01 -14.36 3.93
N GLN A 355 -20.97 -13.44 4.03
CA GLN A 355 -20.71 -12.20 4.74
C GLN A 355 -20.31 -12.47 6.18
N GLU A 356 -20.94 -13.46 6.82
CA GLU A 356 -20.58 -13.81 8.19
C GLU A 356 -19.13 -14.23 8.29
N TYR A 357 -18.66 -15.07 7.36
CA TYR A 357 -17.28 -15.52 7.41
C TYR A 357 -16.31 -14.37 7.16
N LEU A 358 -16.66 -13.46 6.24
CA LEU A 358 -15.81 -12.31 5.98
C LEU A 358 -15.65 -11.43 7.21
N LYS A 359 -16.74 -11.18 7.94
CA LYS A 359 -16.59 -10.43 9.18
C LYS A 359 -15.71 -11.18 10.17
N PHE A 360 -15.77 -12.51 10.15
CA PHE A 360 -14.90 -13.30 11.02
C PHE A 360 -13.42 -13.00 10.72
N ARG A 361 -13.04 -13.01 9.44
CA ARG A 361 -11.66 -12.74 9.05
C ARG A 361 -11.28 -11.28 9.23
N LEU A 362 -12.24 -10.36 9.13
CA LEU A 362 -11.92 -8.95 9.33
C LEU A 362 -11.51 -8.66 10.78
N GLY A 363 -11.85 -9.55 11.71
CA GLY A 363 -11.36 -9.50 13.08
C GLY A 363 -9.97 -10.05 13.27
N HIS A 364 -9.33 -10.53 12.20
CA HIS A 364 -7.97 -11.02 12.26
C HIS A 364 -7.82 -12.01 13.40
N PRO A 365 -8.49 -13.19 13.34
CA PRO A 365 -8.35 -14.19 14.40
C PRO A 365 -7.05 -14.97 14.30
N GLU A 366 -6.75 -15.71 15.36
CA GLU A 366 -5.56 -16.55 15.34
C GLU A 366 -5.65 -17.61 14.24
N GLU A 367 -4.48 -18.10 13.82
CA GLU A 367 -4.42 -19.10 12.76
C GLU A 367 -5.22 -20.35 13.12
N ARG A 368 -5.12 -20.77 14.39
CA ARG A 368 -5.90 -21.91 14.86
C ARG A 368 -7.38 -21.73 14.54
N GLU A 369 -7.95 -20.57 14.88
CA GLU A 369 -9.35 -20.32 14.61
C GLU A 369 -9.65 -20.42 13.12
N ILE A 370 -8.75 -19.89 12.28
CA ILE A 370 -8.92 -19.95 10.84
C ILE A 370 -8.96 -21.41 10.37
N VAL A 371 -7.98 -22.22 10.79
CA VAL A 371 -7.94 -23.61 10.34
C VAL A 371 -9.16 -24.36 10.85
N GLY A 372 -9.60 -24.06 12.08
CA GLY A 372 -10.78 -24.72 12.61
C GLY A 372 -12.03 -24.45 11.80
N LYS A 373 -12.22 -23.20 11.40
CA LYS A 373 -13.43 -22.87 10.63
C LYS A 373 -13.43 -23.59 9.28
N HIS A 374 -12.27 -23.67 8.62
CA HIS A 374 -12.19 -24.31 7.32
C HIS A 374 -12.40 -25.82 7.41
N ILE A 375 -11.74 -26.47 8.37
CA ILE A 375 -11.92 -27.91 8.57
C ILE A 375 -13.38 -28.22 8.89
N GLU A 376 -14.03 -27.35 9.66
CA GLU A 376 -15.44 -27.53 9.99
C GLU A 376 -16.30 -27.50 8.72
N PHE A 377 -16.00 -26.59 7.81
CA PHE A 377 -16.72 -26.52 6.55
C PHE A 377 -16.44 -27.76 5.71
N TYR A 378 -15.16 -28.12 5.56
CA TYR A 378 -14.82 -29.31 4.80
C TYR A 378 -15.49 -30.56 5.34
N SER A 379 -15.90 -30.58 6.61
CA SER A 379 -16.44 -31.78 7.25
C SER A 379 -17.95 -31.65 7.47
N ALA A 380 -18.63 -32.79 7.45
CA ALA A 380 -20.08 -32.79 7.70
C ALA A 380 -20.55 -34.02 8.49
N SER A 392 -4.55 -27.87 19.11
CA SER A 392 -3.40 -27.30 18.40
C SER A 392 -3.57 -27.27 16.87
N LEU A 393 -2.90 -26.33 16.21
CA LEU A 393 -3.07 -26.21 14.77
C LEU A 393 -2.52 -27.43 14.03
N SER A 394 -1.37 -27.97 14.48
CA SER A 394 -0.88 -29.23 13.94
C SER A 394 -1.84 -30.38 14.22
N SER A 395 -2.37 -30.44 15.44
CA SER A 395 -3.28 -31.52 15.82
C SER A 395 -4.57 -31.48 15.00
N LEU A 396 -5.20 -30.30 14.92
CA LEU A 396 -6.41 -30.15 14.11
C LEU A 396 -6.22 -30.75 12.72
N ILE A 397 -5.12 -30.37 12.06
CA ILE A 397 -4.86 -30.89 10.72
C ILE A 397 -4.56 -32.40 10.78
N ASN A 398 -3.67 -32.80 11.69
CA ASN A 398 -3.22 -34.19 11.75
C ASN A 398 -4.39 -35.17 11.71
N GLU A 399 -5.34 -35.02 12.65
CA GLU A 399 -6.43 -36.00 12.65
C GLU A 399 -7.57 -35.60 11.72
N ALA A 400 -7.60 -34.34 11.26
CA ALA A 400 -8.52 -34.01 10.20
C ALA A 400 -8.22 -34.86 8.97
N ILE A 401 -6.93 -35.06 8.68
CA ILE A 401 -6.52 -35.93 7.58
C ILE A 401 -6.86 -37.39 7.90
N SER A 402 -6.54 -37.83 9.12
CA SER A 402 -6.82 -39.20 9.53
C SER A 402 -8.32 -39.51 9.50
N LEU A 403 -9.12 -38.71 10.22
CA LEU A 403 -10.57 -38.94 10.24
C LEU A 403 -11.14 -39.04 8.82
N GLU A 404 -10.77 -38.10 7.95
CA GLU A 404 -11.21 -38.11 6.55
C GLU A 404 -10.78 -39.41 5.87
N GLY B 2 -2.29 0.66 22.50
CA GLY B 2 -1.04 1.38 22.54
C GLY B 2 -0.60 1.77 21.15
N LEU B 3 0.50 2.53 21.10
CA LEU B 3 1.12 2.96 19.86
C LEU B 3 2.32 2.08 19.54
N ALA B 4 2.57 1.89 18.26
CA ALA B 4 3.78 1.24 17.77
C ALA B 4 4.46 2.26 16.87
N VAL B 5 5.61 2.76 17.31
CA VAL B 5 6.29 3.89 16.69
C VAL B 5 7.52 3.36 15.97
N PHE B 6 7.54 3.49 14.64
CA PHE B 6 8.60 2.96 13.81
C PHE B 6 9.64 4.06 13.60
N LEU B 7 10.86 3.81 14.07
CA LEU B 7 11.94 4.80 13.99
C LEU B 7 13.15 4.10 13.42
N PRO B 8 13.21 3.94 12.10
CA PRO B 8 14.24 3.09 11.50
C PRO B 8 15.63 3.58 11.87
N PRO B 9 16.54 2.67 12.22
CA PRO B 9 17.90 3.06 12.64
C PRO B 9 18.94 3.11 11.52
N TYR B 10 18.60 2.68 10.31
CA TYR B 10 19.60 2.57 9.24
C TYR B 10 20.20 3.94 8.93
N PRO B 11 21.53 4.08 8.95
CA PRO B 11 22.17 5.40 8.76
C PRO B 11 22.41 5.75 7.29
N PHE B 12 21.33 5.80 6.51
CA PHE B 12 21.46 6.06 5.07
C PHE B 12 22.24 7.32 4.76
N ARG B 13 22.06 8.36 5.58
CA ARG B 13 22.70 9.65 5.36
C ARG B 13 23.98 9.83 6.18
N GLY B 14 24.48 8.75 6.78
CA GLY B 14 25.75 8.76 7.47
C GLY B 14 25.71 9.08 8.94
N LEU B 15 24.52 9.09 9.56
CA LEU B 15 24.34 9.54 10.94
C LEU B 15 23.51 8.54 11.72
N LYS B 16 24.05 8.02 12.83
CA LYS B 16 23.32 7.07 13.68
C LYS B 16 22.06 7.70 14.26
N ALA B 17 21.09 6.86 14.59
CA ALA B 17 19.82 7.29 15.15
C ALA B 17 19.27 8.50 14.40
N PRO B 18 19.10 8.41 13.07
CA PRO B 18 18.73 9.62 12.31
C PRO B 18 17.51 10.35 12.85
N TYR B 19 16.49 9.62 13.33
CA TYR B 19 15.22 10.21 13.74
C TYR B 19 15.11 10.31 15.27
N LEU B 20 16.25 10.57 15.92
CA LEU B 20 16.32 10.61 17.38
C LEU B 20 15.38 11.64 17.98
N TRP B 21 15.12 12.76 17.32
CA TRP B 21 14.30 13.78 17.96
C TRP B 21 12.86 13.29 18.20
N MET B 22 12.33 12.47 17.29
CA MET B 22 10.98 11.96 17.50
C MET B 22 10.96 10.93 18.61
N PHE B 23 12.00 10.11 18.71
CA PHE B 23 12.17 9.25 19.87
C PHE B 23 12.00 10.06 21.15
N TYR B 24 12.78 11.13 21.31
CA TYR B 24 12.73 11.93 22.54
C TYR B 24 11.35 12.58 22.73
N LYS B 25 10.75 13.09 21.65
CA LYS B 25 9.46 13.77 21.80
C LYS B 25 8.35 12.81 22.21
N TYR B 26 8.31 11.60 21.64
CA TYR B 26 7.32 10.64 22.10
C TYR B 26 7.59 10.21 23.54
N LEU B 27 8.86 9.96 23.88
CA LEU B 27 9.17 9.61 25.26
C LEU B 27 8.70 10.69 26.22
N HIS B 28 8.90 11.94 25.85
CA HIS B 28 8.61 13.03 26.76
C HIS B 28 7.10 13.24 26.94
N CSO B 29 6.35 13.03 25.86
CA CSO B 29 4.91 13.27 25.82
CB CSO B 29 4.50 13.68 24.40
SG CSO B 29 5.11 15.36 24.01
C CSO B 29 4.06 12.07 26.31
O CSO B 29 2.84 12.17 26.41
OD CSO B 29 4.36 16.60 25.08
N ALA B 30 4.71 10.96 26.64
CA ALA B 30 4.01 9.69 26.86
C ALA B 30 3.05 9.71 28.03
N THR B 31 1.84 9.23 27.79
CA THR B 31 0.86 9.02 28.84
C THR B 31 0.58 7.54 29.06
N ASP B 32 1.26 6.67 28.32
CA ASP B 32 0.99 5.24 28.33
C ASP B 32 2.24 4.55 27.78
N SER B 33 2.36 3.26 28.08
CA SER B 33 3.46 2.48 27.56
C SER B 33 3.41 2.38 26.03
N ILE B 34 4.53 2.71 25.37
CA ILE B 34 4.64 2.73 23.91
C ILE B 34 5.55 1.61 23.46
N LEU B 35 5.23 1.01 22.31
CA LEU B 35 6.08 0.04 21.62
C LEU B 35 6.91 0.78 20.58
N PHE B 36 8.23 0.79 20.74
CA PHE B 36 9.13 1.41 19.78
C PHE B 36 9.81 0.33 18.94
N ILE B 37 9.72 0.47 17.62
CA ILE B 37 10.40 -0.41 16.67
C ILE B 37 11.51 0.42 16.05
N THR B 38 12.75 0.13 16.43
CA THR B 38 13.85 1.04 16.22
C THR B 38 15.17 0.25 16.22
N GLY B 39 16.28 0.93 16.47
CA GLY B 39 17.56 0.28 16.61
C GLY B 39 18.21 0.59 17.95
N GLU B 40 19.26 -0.17 18.26
CA GLU B 40 19.98 0.02 19.52
C GLU B 40 20.63 1.40 19.57
N ASP B 41 21.12 1.88 18.44
CA ASP B 41 21.74 3.20 18.40
C ASP B 41 20.87 4.26 19.08
N TYR B 42 19.54 4.07 19.09
CA TYR B 42 18.69 5.11 19.66
C TYR B 42 18.82 5.15 21.18
N LEU B 43 19.13 4.01 21.81
CA LEU B 43 19.24 3.93 23.25
C LEU B 43 20.64 4.25 23.78
N SER B 44 21.68 4.08 22.97
CA SER B 44 23.06 4.32 23.38
C SER B 44 23.62 5.64 22.88
N VAL B 45 22.82 6.46 22.20
CA VAL B 45 23.36 7.64 21.54
C VAL B 45 23.87 8.68 22.54
N THR B 46 23.52 8.54 23.81
CA THR B 46 24.04 9.46 24.80
C THR B 46 25.45 9.09 25.27
N ASP B 47 26.36 8.82 24.34
CA ASP B 47 27.78 8.62 24.64
C ASP B 47 28.55 8.12 23.41
N ALA B 50 30.67 9.90 21.90
CA ALA B 50 30.61 11.33 22.16
C ALA B 50 29.92 12.07 21.03
N GLN B 51 28.58 12.15 21.11
CA GLN B 51 27.77 12.83 20.12
C GLN B 51 26.96 13.99 20.70
N ARG B 52 27.32 14.50 21.90
CA ARG B 52 26.48 15.53 22.51
C ARG B 52 26.55 16.88 21.77
N ALA B 53 27.18 16.98 20.60
CA ALA B 53 27.10 18.19 19.78
C ALA B 53 25.90 18.19 18.84
N ARG B 54 25.22 17.07 18.68
CA ARG B 54 24.07 16.99 17.78
C ARG B 54 22.99 18.01 18.15
N TRP B 55 22.25 18.46 17.13
CA TRP B 55 21.22 19.48 17.33
C TRP B 55 20.10 19.01 18.25
N GLU B 56 19.85 17.69 18.33
CA GLU B 56 18.80 17.21 19.22
C GLU B 56 19.10 17.52 20.67
N PHE B 57 20.38 17.54 21.06
CA PHE B 57 20.78 17.85 22.43
C PHE B 57 20.93 19.34 22.69
N ASP B 58 20.68 20.20 21.69
CA ASP B 58 20.78 21.63 21.94
C ASP B 58 19.58 22.13 22.76
N PRO B 59 19.82 23.01 23.75
CA PRO B 59 18.69 23.52 24.55
C PRO B 59 17.67 24.34 23.76
N ALA B 60 18.12 25.20 22.85
CA ALA B 60 17.19 25.89 21.95
C ALA B 60 16.26 24.91 21.24
N SER B 61 16.82 23.81 20.73
CA SER B 61 16.00 22.88 19.96
C SER B 61 15.05 22.11 20.87
N MET B 62 15.55 21.66 22.02
CA MET B 62 14.67 21.07 23.03
C MET B 62 13.53 22.01 23.39
N ALA B 63 13.85 23.28 23.65
CA ALA B 63 12.84 24.23 24.08
C ALA B 63 11.81 24.51 22.98
N SER B 64 12.27 24.69 21.74
CA SER B 64 11.36 25.02 20.65
C SER B 64 10.53 23.80 20.19
N LEU B 65 11.06 22.58 20.36
CA LEU B 65 10.29 21.39 20.03
C LEU B 65 9.54 20.80 21.22
N GLY B 66 9.74 21.34 22.42
CA GLY B 66 8.98 20.92 23.58
C GLY B 66 9.28 19.54 24.14
N TYR B 67 10.55 19.18 24.29
CA TYR B 67 10.87 17.90 24.91
C TYR B 67 12.09 18.05 25.80
N GLU B 68 12.30 17.05 26.63
CA GLU B 68 13.43 16.97 27.54
C GLU B 68 14.12 15.63 27.34
N LEU B 69 15.40 15.60 27.67
CA LEU B 69 16.14 14.36 27.52
C LEU B 69 15.55 13.30 28.45
N PRO B 70 15.46 12.05 28.01
CA PRO B 70 14.91 11.01 28.87
C PRO B 70 15.97 10.49 29.83
N ASN B 71 15.50 9.92 30.94
CA ASN B 71 16.35 9.28 31.93
C ASN B 71 16.05 7.79 31.96
N ALA B 72 16.77 7.07 32.84
CA ALA B 72 16.58 5.63 32.96
C ALA B 72 15.11 5.27 33.12
N GLN B 73 14.42 5.92 34.06
CA GLN B 73 13.05 5.53 34.37
C GLN B 73 12.08 5.89 33.25
N SER B 74 12.30 7.01 32.55
CA SER B 74 11.43 7.41 31.46
C SER B 74 11.37 6.35 30.37
N MET B 75 12.48 5.68 30.13
CA MET B 75 12.51 4.67 29.09
C MET B 75 11.90 3.35 29.55
N ALA B 76 11.99 3.04 30.86
CA ALA B 76 11.66 1.70 31.34
C ALA B 76 10.19 1.35 31.25
N CYS B 77 9.31 2.34 31.15
N CYS B 77 9.30 2.35 31.14
CA CYS B 77 7.89 2.03 31.06
CA CYS B 77 7.87 2.14 31.02
C CYS B 77 7.44 1.70 29.63
C CYS B 77 7.48 1.54 29.67
N HIS B 78 8.38 1.55 28.70
CA HIS B 78 8.09 1.22 27.31
C HIS B 78 8.74 -0.10 26.89
N GLU B 79 8.34 -0.57 25.72
CA GLU B 79 8.83 -1.80 25.13
C GLU B 79 9.59 -1.48 23.85
N TYR B 80 10.67 -2.20 23.59
CA TYR B 80 11.53 -1.92 22.46
C TYR B 80 11.72 -3.16 21.61
N LEU B 81 11.54 -3.01 20.30
CA LEU B 81 11.94 -4.03 19.33
C LEU B 81 13.05 -3.43 18.48
N THR B 82 14.22 -4.05 18.49
CA THR B 82 15.36 -3.49 17.77
C THR B 82 15.65 -4.30 16.52
N LEU B 83 15.90 -3.58 15.44
CA LEU B 83 16.25 -4.16 14.15
C LEU B 83 17.75 -4.40 14.07
N ASP B 84 18.14 -5.46 13.37
CA ASP B 84 19.56 -5.79 13.27
C ASP B 84 20.24 -5.02 12.14
N ASN B 85 21.52 -4.66 12.35
CA ASN B 85 22.28 -3.94 11.33
C ASN B 85 22.74 -4.83 10.19
N ALA B 86 22.90 -6.14 10.42
CA ALA B 86 23.30 -7.04 9.34
C ALA B 86 22.38 -6.91 8.11
N PHE B 87 21.10 -6.61 8.32
CA PHE B 87 20.23 -6.39 7.17
C PHE B 87 20.61 -5.12 6.41
N TYR B 88 20.95 -4.05 7.12
CA TYR B 88 21.36 -2.81 6.46
C TYR B 88 22.50 -3.08 5.48
N GLU B 89 23.56 -3.75 5.96
CA GLU B 89 24.69 -4.07 5.08
C GLU B 89 24.22 -4.81 3.85
N THR B 90 23.39 -5.84 4.03
CA THR B 90 22.86 -6.59 2.89
C THR B 90 22.08 -5.67 1.95
N LEU B 91 21.37 -4.69 2.51
CA LEU B 91 20.58 -3.80 1.66
C LEU B 91 21.50 -2.94 0.79
N LEU B 92 22.56 -2.41 1.39
CA LEU B 92 23.51 -1.60 0.64
C LEU B 92 24.13 -2.37 -0.51
N SER B 93 24.58 -3.61 -0.24
CA SER B 93 25.20 -4.40 -1.29
C SER B 93 24.23 -4.67 -2.43
N ARG B 94 22.94 -4.69 -2.14
CA ARG B 94 21.98 -4.93 -3.19
C ARG B 94 21.69 -3.69 -4.03
N HIS B 95 22.15 -2.51 -3.60
CA HIS B 95 21.99 -1.29 -4.38
C HIS B 95 23.33 -0.68 -4.77
N HIS B 96 24.33 -1.54 -4.99
CA HIS B 96 25.68 -1.08 -5.36
C HIS B 96 26.31 -0.19 -4.30
N HIS B 97 26.02 -0.47 -3.02
CA HIS B 97 26.64 0.22 -1.89
C HIS B 97 26.34 1.71 -1.90
N ASP B 98 25.31 2.11 -2.63
CA ASP B 98 24.85 3.48 -2.62
C ASP B 98 23.83 3.63 -1.50
N PRO B 99 24.16 4.31 -0.40
CA PRO B 99 23.20 4.39 0.71
C PRO B 99 22.03 5.32 0.42
N ILE B 100 22.16 6.27 -0.50
CA ILE B 100 21.02 7.14 -0.82
C ILE B 100 20.04 6.42 -1.73
N LYS B 101 20.55 5.63 -2.67
CA LYS B 101 19.69 4.77 -3.49
C LYS B 101 19.02 3.70 -2.64
N SER B 102 19.75 3.17 -1.64
CA SER B 102 19.13 2.27 -0.67
C SER B 102 17.99 2.97 0.10
N PHE B 103 18.22 4.23 0.49
CA PHE B 103 17.18 5.02 1.16
C PHE B 103 15.93 5.16 0.29
N SER B 104 16.13 5.56 -0.98
CA SER B 104 15.02 5.67 -1.93
C SER B 104 14.24 4.36 -2.01
N ALA B 105 14.93 3.22 -2.03
CA ALA B 105 14.20 1.95 -2.10
C ALA B 105 13.45 1.70 -0.80
N PHE B 106 14.10 1.98 0.35
CA PHE B 106 13.40 1.91 1.62
C PHE B 106 12.08 2.67 1.61
N LEU B 107 12.08 3.87 1.01
CA LEU B 107 10.90 4.75 1.00
C LEU B 107 9.84 4.35 -0.04
N THR B 108 10.22 3.64 -1.12
CA THR B 108 9.29 3.51 -2.24
C THR B 108 9.04 2.08 -2.72
N GLU B 109 9.74 1.09 -2.17
CA GLU B 109 9.55 -0.31 -2.54
C GLU B 109 9.46 -1.17 -1.29
N ARG B 110 8.68 -2.24 -1.40
CA ARG B 110 8.76 -3.31 -0.41
C ARG B 110 10.14 -3.94 -0.42
N ILE B 111 10.59 -4.35 0.75
CA ILE B 111 11.84 -5.10 0.89
C ILE B 111 11.54 -6.38 1.65
N PRO B 112 11.45 -7.52 0.96
CA PRO B 112 10.96 -8.74 1.62
C PRO B 112 11.70 -9.11 2.89
N ASP B 113 13.03 -9.00 2.90
CA ASP B 113 13.77 -9.31 4.12
C ASP B 113 13.39 -8.38 5.28
N LEU B 114 13.07 -7.11 5.02
CA LEU B 114 12.67 -6.24 6.12
C LEU B 114 11.29 -6.64 6.67
N GLU B 115 10.32 -6.93 5.78
CA GLU B 115 9.02 -7.43 6.22
C GLU B 115 9.14 -8.68 7.08
N THR B 116 10.01 -9.61 6.69
CA THR B 116 10.16 -10.83 7.48
C THR B 116 10.67 -10.51 8.87
N GLU B 117 11.70 -9.65 8.96
CA GLU B 117 12.24 -9.30 10.27
C GLU B 117 11.20 -8.58 11.12
N LEU B 118 10.47 -7.62 10.54
CA LEU B 118 9.41 -6.95 11.29
C LEU B 118 8.36 -7.95 11.79
N HIS B 119 7.94 -8.90 10.94
CA HIS B 119 6.97 -9.88 11.39
C HIS B 119 7.51 -10.67 12.59
N ALA B 120 8.75 -11.13 12.51
CA ALA B 120 9.30 -11.90 13.62
C ALA B 120 9.43 -11.05 14.89
N LEU B 121 9.84 -9.79 14.75
CA LEU B 121 9.94 -8.93 15.93
C LEU B 121 8.58 -8.74 16.61
N LEU B 122 7.54 -8.42 15.81
CA LEU B 122 6.19 -8.25 16.34
C LEU B 122 5.61 -9.53 16.92
N ASP B 123 6.01 -10.68 16.40
CA ASP B 123 5.58 -11.99 16.92
C ASP B 123 6.49 -12.53 18.02
N SER B 124 7.53 -11.78 18.45
CA SER B 124 8.47 -12.32 19.43
C SER B 124 7.97 -12.30 20.87
N LYS B 125 6.89 -11.58 21.17
CA LYS B 125 6.30 -11.60 22.51
C LYS B 125 4.79 -11.67 22.36
N LYS B 126 4.18 -12.62 23.05
CA LYS B 126 2.74 -12.84 22.92
C LYS B 126 1.98 -11.59 23.34
N GLY B 127 0.92 -11.28 22.60
CA GLY B 127 0.09 -10.14 22.91
C GLY B 127 0.58 -8.81 22.39
N ILE B 128 1.78 -8.77 21.81
CA ILE B 128 2.28 -7.53 21.23
C ILE B 128 1.37 -7.06 20.10
N ILE B 129 1.08 -7.95 19.14
CA ILE B 129 0.33 -7.55 17.95
C ILE B 129 -1.08 -7.11 18.34
N ASP B 130 -1.68 -7.77 19.32
CA ASP B 130 -3.05 -7.43 19.68
C ASP B 130 -3.13 -6.16 20.53
N GLN B 131 -2.04 -5.77 21.19
CA GLN B 131 -2.03 -4.50 21.92
C GLN B 131 -1.79 -3.31 21.01
N ILE B 132 -1.57 -3.51 19.72
CA ILE B 132 -1.22 -2.41 18.82
C ILE B 132 -2.51 -1.84 18.24
N ASP B 133 -2.78 -0.58 18.53
CA ASP B 133 -3.93 0.09 17.95
C ASP B 133 -3.60 0.75 16.62
N THR B 134 -2.40 1.31 16.48
CA THR B 134 -1.97 1.83 15.20
C THR B 134 -0.46 1.86 15.15
N PHE B 135 0.08 1.77 13.94
CA PHE B 135 1.47 2.13 13.72
C PHE B 135 1.61 3.63 13.49
N ILE B 136 2.77 4.16 13.84
CA ILE B 136 3.19 5.49 13.50
C ILE B 136 4.51 5.34 12.76
N SER B 137 4.71 6.09 11.68
CA SER B 137 5.98 6.06 10.99
C SER B 137 6.35 7.47 10.54
N ILE B 138 7.63 7.83 10.70
CA ILE B 138 8.11 9.18 10.35
C ILE B 138 8.32 9.34 8.85
N CYS B 139 8.27 8.24 8.09
CA CYS B 139 8.45 8.29 6.64
C CYS B 139 7.63 7.17 6.00
N ASN B 140 7.41 7.31 4.69
CA ASN B 140 6.80 6.23 3.93
C ASN B 140 7.67 4.98 4.06
N CYS B 141 7.03 3.82 4.11
CA CYS B 141 7.82 2.60 4.13
C CYS B 141 6.94 1.43 3.68
N PRO B 142 6.85 1.18 2.37
CA PRO B 142 5.98 0.09 1.90
C PRO B 142 6.22 -1.25 2.58
N SER B 143 7.44 -1.55 3.02
CA SER B 143 7.66 -2.78 3.78
C SER B 143 6.81 -2.81 5.04
N LEU B 144 6.81 -1.72 5.81
CA LEU B 144 5.99 -1.67 7.02
C LEU B 144 4.50 -1.61 6.66
N GLU B 145 4.14 -0.94 5.56
CA GLU B 145 2.73 -0.84 5.19
C GLU B 145 2.18 -2.20 4.75
N HIS B 146 3.03 -3.03 4.14
CA HIS B 146 2.61 -4.39 3.77
C HIS B 146 2.37 -5.25 5.01
N VAL B 147 3.30 -5.18 5.98
CA VAL B 147 3.13 -5.84 7.28
C VAL B 147 1.84 -5.37 7.95
N ALA B 148 1.60 -4.06 7.93
CA ALA B 148 0.42 -3.53 8.63
C ALA B 148 -0.87 -4.08 8.02
N ARG B 149 -0.91 -4.23 6.69
CA ARG B 149 -2.13 -4.73 6.05
C ARG B 149 -2.39 -6.18 6.40
N THR B 150 -1.34 -7.01 6.38
CA THR B 150 -1.51 -8.38 6.87
C THR B 150 -2.05 -8.39 8.28
N LEU B 151 -1.54 -7.51 9.15
CA LEU B 151 -1.98 -7.58 10.53
C LEU B 151 -3.26 -6.81 10.80
N GLY B 152 -3.79 -6.07 9.82
CA GLY B 152 -5.01 -5.31 10.05
C GLY B 152 -4.81 -4.01 10.83
N LYS B 153 -3.64 -3.39 10.73
CA LYS B 153 -3.33 -2.16 11.44
C LYS B 153 -3.19 -1.00 10.46
N GLU B 154 -3.62 0.17 10.91
CA GLU B 154 -3.41 1.40 10.16
C GLU B 154 -1.99 1.92 10.39
N VAL B 155 -1.53 2.76 9.46
CA VAL B 155 -0.23 3.43 9.57
C VAL B 155 -0.45 4.93 9.44
N MET B 156 -0.24 5.65 10.54
CA MET B 156 -0.20 7.11 10.53
C MET B 156 1.22 7.56 10.22
N HIS B 157 1.40 8.26 9.09
CA HIS B 157 2.68 8.86 8.72
C HIS B 157 2.74 10.28 9.30
N ILE B 158 3.77 10.55 10.10
CA ILE B 158 3.82 11.74 10.94
C ILE B 158 5.20 12.37 10.88
N GLU B 159 5.25 13.69 10.73
CA GLU B 159 6.51 14.39 10.57
C GLU B 159 6.29 15.82 11.09
N ILE B 160 7.39 16.57 11.21
CA ILE B 160 7.25 17.99 11.45
C ILE B 160 6.68 18.64 10.19
N GLY B 161 5.93 19.71 10.36
CA GLY B 161 5.20 20.29 9.26
C GLY B 161 5.96 21.37 8.50
N PRO B 162 5.30 21.96 7.50
CA PRO B 162 5.95 23.01 6.69
C PRO B 162 6.05 24.34 7.40
N LEU B 163 5.32 24.54 8.49
CA LEU B 163 5.39 25.78 9.27
C LEU B 163 5.91 25.42 10.66
N ARG B 164 6.96 26.16 11.09
CA ARG B 164 7.80 25.78 12.21
C ARG B 164 8.25 27.02 12.95
N ALA B 165 8.51 26.84 14.25
CA ALA B 165 9.04 27.91 15.07
C ALA B 165 10.47 28.25 14.65
N PRO B 166 10.94 29.47 14.91
CA PRO B 166 10.23 30.58 15.60
C PRO B 166 9.32 31.43 14.73
N MET B 167 9.28 31.26 13.41
CA MET B 167 8.48 32.17 12.60
C MET B 167 6.99 31.90 12.76
N TYR B 168 6.61 30.66 13.02
CA TYR B 168 5.23 30.19 12.95
C TYR B 168 4.94 29.30 14.16
N ARG B 169 3.66 29.18 14.51
CA ARG B 169 3.28 28.07 15.37
C ARG B 169 3.83 26.78 14.76
N ASN B 170 4.25 25.85 15.61
CA ASN B 170 4.67 24.54 15.10
C ASN B 170 3.50 23.72 14.58
N THR B 171 3.73 23.07 13.44
CA THR B 171 2.74 22.19 12.83
C THR B 171 3.40 20.85 12.53
N ALA B 172 2.55 19.85 12.31
CA ALA B 172 2.96 18.49 11.99
C ALA B 172 2.08 17.94 10.90
N TYR B 173 2.57 16.91 10.22
CA TYR B 173 1.78 16.09 9.32
C TYR B 173 1.25 14.87 10.06
N LEU B 174 0.01 14.47 9.72
CA LEU B 174 -0.56 13.17 10.09
C LEU B 174 -1.36 12.70 8.87
N ASP B 175 -0.87 11.67 8.18
CA ASP B 175 -1.42 11.24 6.89
C ASP B 175 -1.44 9.72 6.85
N PHE B 176 -2.62 9.14 6.62
CA PHE B 176 -2.78 7.68 6.58
C PHE B 176 -2.23 7.04 5.31
N ALA B 177 -2.01 7.80 4.24
CA ALA B 177 -1.54 7.19 3.01
C ALA B 177 -0.03 7.38 2.80
N GLY B 178 0.49 8.58 3.02
CA GLY B 178 1.92 8.79 3.00
C GLY B 178 2.26 10.21 3.43
N VAL B 179 3.50 10.45 3.87
CA VAL B 179 3.93 11.79 4.27
C VAL B 179 4.90 12.32 3.22
N ASN B 180 4.71 13.59 2.82
CA ASN B 180 5.45 14.30 1.79
C ASN B 180 5.13 13.75 0.41
N GLY B 181 5.39 12.46 0.20
CA GLY B 181 5.03 11.77 -1.04
C GLY B 181 3.79 10.92 -0.88
N GLY B 182 2.97 10.91 -1.94
CA GLY B 182 1.69 10.21 -1.94
C GLY B 182 0.70 10.65 -0.87
N THR B 183 0.54 11.96 -0.69
CA THR B 183 -0.28 12.46 0.40
C THR B 183 -1.76 12.42 0.02
N GLU B 184 -2.60 12.46 1.06
CA GLU B 184 -4.04 12.42 0.94
C GLU B 184 -4.68 13.78 1.19
N ALA B 185 -3.88 14.85 1.27
CA ALA B 185 -4.45 16.16 1.55
C ALA B 185 -5.39 16.61 0.43
N SER B 186 -5.02 16.37 -0.83
N SER B 186 -5.02 16.37 -0.83
CA SER B 186 -5.89 16.78 -1.92
CA SER B 186 -5.88 16.75 -1.94
C SER B 186 -7.16 15.94 -1.96
C SER B 186 -7.17 15.94 -1.95
N ALA B 187 -7.10 14.67 -1.57
CA ALA B 187 -8.32 13.85 -1.54
C ALA B 187 -9.23 14.27 -0.39
N ARG B 188 -8.68 14.59 0.77
CA ARG B 188 -9.52 15.06 1.87
C ARG B 188 -10.22 16.37 1.52
N TYR B 189 -9.50 17.30 0.87
CA TYR B 189 -10.12 18.57 0.50
C TYR B 189 -11.27 18.40 -0.49
N GLU B 190 -11.08 17.57 -1.52
CA GLU B 190 -12.08 17.47 -2.58
C GLU B 190 -13.45 16.97 -2.07
N LYS B 191 -13.49 16.30 -0.92
CA LYS B 191 -14.77 15.98 -0.29
C LYS B 191 -15.50 17.19 0.34
N CSO B 192 -14.77 18.25 0.68
CA CSO B 192 -15.36 19.48 1.25
CB CSO B 192 -14.68 19.89 2.56
SG CSO B 192 -14.51 18.50 3.67
C CSO B 192 -15.33 20.70 0.35
O CSO B 192 -15.84 21.76 0.71
OD CSO B 192 -15.48 18.78 5.14
N GLN B 193 -14.72 20.57 -0.82
CA GLN B 193 -14.56 21.71 -1.71
C GLN B 193 -15.86 22.50 -1.88
N ALA B 194 -16.99 21.81 -1.97
CA ALA B 194 -18.25 22.48 -2.30
C ALA B 194 -18.75 23.34 -1.14
N GLU B 195 -18.67 22.85 0.08
CA GLU B 195 -19.21 23.57 1.24
C GLU B 195 -18.11 24.35 1.96
N PHE B 196 -17.53 25.32 1.25
CA PHE B 196 -16.41 26.09 1.78
C PHE B 196 -16.65 27.56 1.48
N ASP B 197 -16.74 28.36 2.54
CA ASP B 197 -17.01 29.76 2.43
C ASP B 197 -16.11 30.45 3.45
N ILE B 198 -14.81 30.52 3.16
CA ILE B 198 -13.88 31.22 4.02
C ILE B 198 -13.90 32.70 3.66
N LYS B 199 -14.12 33.55 4.66
CA LYS B 199 -14.13 35.00 4.47
C LYS B 199 -12.83 35.65 4.91
N ALA B 200 -11.70 35.01 4.65
CA ALA B 200 -10.38 35.61 4.86
C ALA B 200 -9.57 35.52 3.59
N SER B 201 -8.53 36.33 3.50
CA SER B 201 -7.62 36.23 2.36
C SER B 201 -6.44 35.29 2.70
N LEU B 202 -5.60 35.04 1.70
CA LEU B 202 -4.40 34.23 1.90
C LEU B 202 -3.47 34.86 2.94
N GLY B 203 -3.25 36.19 2.85
CA GLY B 203 -2.51 36.88 3.88
C GLY B 203 -3.05 36.68 5.28
N ASP B 204 -4.38 36.57 5.43
CA ASP B 204 -5.00 36.32 6.73
C ASP B 204 -4.68 34.92 7.23
N LEU B 205 -4.74 33.92 6.34
CA LEU B 205 -4.35 32.57 6.75
C LEU B 205 -2.89 32.55 7.19
N HIS B 206 -2.03 33.25 6.43
CA HIS B 206 -0.62 33.34 6.77
C HIS B 206 -0.43 34.00 8.13
N ASN B 207 -1.06 35.15 8.32
CA ASN B 207 -0.95 35.89 9.56
C ASN B 207 -1.42 35.08 10.76
N TYR B 208 -2.41 34.22 10.58
CA TYR B 208 -2.88 33.41 11.71
C TYR B 208 -1.78 32.51 12.26
N PHE B 209 -0.84 32.07 11.41
CA PHE B 209 0.21 31.16 11.86
C PHE B 209 1.52 31.88 12.20
N LEU B 210 1.70 33.12 11.74
CA LEU B 210 2.88 33.91 12.07
C LEU B 210 2.96 34.17 13.57
N GLU B 211 4.10 33.88 14.17
CA GLU B 211 4.30 34.15 15.59
C GLU B 211 5.23 35.32 15.81
N VAL B 212 5.52 36.09 14.75
CA VAL B 212 6.48 37.17 14.80
C VAL B 212 5.90 38.35 14.05
N LEU B 213 6.41 39.53 14.36
CA LEU B 213 6.21 40.69 13.50
C LEU B 213 6.92 40.43 12.16
N PRO B 214 6.22 40.52 11.04
CA PRO B 214 6.86 40.22 9.74
C PRO B 214 7.91 41.26 9.40
N PRO B 215 8.83 40.93 8.50
CA PRO B 215 9.77 41.97 8.01
C PRO B 215 9.10 42.98 7.09
N ALA B 216 8.16 42.52 6.24
CA ALA B 216 7.27 43.36 5.43
C ALA B 216 7.97 44.42 4.57
N GLU B 217 8.45 44.03 3.40
CA GLU B 217 9.06 44.95 2.43
C GLU B 217 9.98 45.97 3.08
N HIS B 221 13.22 44.26 -5.63
CA HIS B 221 12.79 42.92 -6.00
C HIS B 221 13.74 42.20 -6.97
N SER B 222 13.69 40.88 -6.94
CA SER B 222 14.28 40.05 -7.98
C SER B 222 13.16 39.35 -8.72
N ALA B 223 13.22 39.43 -10.05
CA ALA B 223 12.23 38.73 -10.86
C ALA B 223 12.00 37.31 -10.35
N ALA B 224 13.07 36.58 -10.03
CA ALA B 224 12.98 35.14 -9.80
C ALA B 224 13.74 34.71 -8.55
N GLY B 225 13.03 34.12 -7.60
CA GLY B 225 13.63 33.46 -6.44
C GLY B 225 13.71 31.96 -6.63
N VAL B 226 14.84 31.38 -6.24
CA VAL B 226 15.10 29.95 -6.35
C VAL B 226 15.35 29.42 -4.95
N VAL B 227 14.47 28.52 -4.49
CA VAL B 227 14.60 27.87 -3.19
C VAL B 227 15.35 26.55 -3.37
N LEU B 228 16.47 26.40 -2.67
CA LEU B 228 17.20 25.13 -2.67
C LEU B 228 16.86 24.32 -1.42
N GLN B 229 17.05 23.00 -1.48
CA GLN B 229 16.68 22.14 -0.37
C GLN B 229 17.86 21.28 0.09
N VAL B 230 17.65 20.55 1.19
CA VAL B 230 18.67 19.62 1.69
C VAL B 230 18.81 18.45 0.72
N GLU B 231 20.04 18.19 0.29
CA GLU B 231 20.26 17.32 -0.87
C GLU B 231 19.78 15.89 -0.65
N ASP B 232 19.87 15.38 0.58
CA ASP B 232 19.51 13.99 0.89
C ASP B 232 18.28 13.90 1.80
N CYS B 233 17.46 14.96 1.86
CA CYS B 233 16.12 14.82 2.41
C CYS B 233 15.28 13.91 1.49
N SER B 234 14.45 13.06 2.09
CA SER B 234 13.57 12.18 1.32
C SER B 234 12.81 12.93 0.23
N ASN B 235 12.44 14.18 0.47
CA ASN B 235 11.77 14.98 -0.56
C ASN B 235 12.60 15.14 -1.84
N LEU B 236 13.94 15.22 -1.73
CA LEU B 236 14.80 15.30 -2.91
C LEU B 236 15.32 13.94 -3.37
N ILE B 237 15.06 12.87 -2.64
CA ILE B 237 15.51 11.54 -3.02
C ILE B 237 14.42 10.77 -3.77
N ALA B 238 13.19 10.81 -3.24
CA ALA B 238 12.11 9.96 -3.71
C ALA B 238 10.94 10.70 -4.31
N TYR B 239 10.65 11.94 -3.90
CA TYR B 239 9.44 12.64 -4.31
C TYR B 239 9.75 13.86 -5.17
N ASN B 240 10.94 13.89 -5.75
CA ASN B 240 11.42 15.05 -6.48
C ASN B 240 11.08 15.01 -7.97
N HIS B 241 10.44 13.94 -8.45
CA HIS B 241 10.25 13.79 -9.89
C HIS B 241 11.57 13.96 -10.64
N ASP B 242 12.68 13.57 -10.00
CA ASP B 242 14.05 13.52 -10.55
C ASP B 242 14.76 14.88 -10.61
N PHE B 243 14.11 15.96 -10.22
CA PHE B 243 14.82 17.22 -10.12
C PHE B 243 15.81 17.20 -8.94
N THR B 244 16.86 18.00 -9.08
CA THR B 244 17.86 18.23 -8.06
C THR B 244 18.04 19.74 -7.92
N ASN B 245 18.84 20.18 -6.95
CA ASN B 245 19.06 21.62 -6.83
C ASN B 245 19.64 22.20 -8.11
N ILE B 246 20.55 21.47 -8.75
CA ILE B 246 21.23 21.98 -9.94
C ILE B 246 20.32 21.99 -11.17
N SER B 247 19.41 21.03 -11.32
CA SER B 247 18.49 21.10 -12.46
C SER B 247 17.37 22.09 -12.22
N LEU B 248 16.96 22.25 -10.95
CA LEU B 248 16.07 23.35 -10.60
C LEU B 248 16.68 24.70 -10.98
N LEU B 249 17.97 24.88 -10.70
CA LEU B 249 18.64 26.10 -11.13
C LEU B 249 18.67 26.22 -12.65
N SER B 250 18.89 25.10 -13.36
CA SER B 250 18.93 25.22 -14.83
C SER B 250 17.56 25.55 -15.38
N TYR B 251 16.52 24.87 -14.88
CA TYR B 251 15.14 25.20 -15.22
C TYR B 251 14.86 26.71 -15.16
N VAL B 252 15.31 27.37 -14.08
CA VAL B 252 15.03 28.81 -13.95
C VAL B 252 15.84 29.62 -14.96
N ARG B 253 17.11 29.25 -15.17
CA ARG B 253 17.99 29.92 -16.13
C ARG B 253 17.56 29.70 -17.59
N GLN B 254 16.63 28.77 -17.85
CA GLN B 254 16.00 28.71 -19.17
C GLN B 254 15.06 29.88 -19.37
N ARG B 255 14.60 30.49 -18.28
CA ARG B 255 13.54 31.50 -18.24
C ARG B 255 14.04 32.90 -17.88
N TYR B 256 15.14 33.03 -17.11
CA TYR B 256 15.62 34.32 -16.65
C TYR B 256 17.13 34.44 -16.86
N GLU B 257 17.56 35.68 -17.14
CA GLU B 257 18.98 35.99 -17.11
C GLU B 257 19.51 35.84 -15.68
N LYS B 258 20.78 35.45 -15.56
CA LYS B 258 21.32 35.21 -14.23
C LYS B 258 21.15 36.44 -13.35
N GLU B 259 21.19 37.65 -13.95
CA GLU B 259 21.09 38.91 -13.22
C GLU B 259 19.73 39.12 -12.55
N ASP B 260 18.70 38.38 -12.96
CA ASP B 260 17.36 38.50 -12.40
C ASP B 260 17.03 37.39 -11.41
N ILE B 261 18.02 36.58 -11.05
CA ILE B 261 17.82 35.41 -10.22
C ILE B 261 18.39 35.67 -8.85
N LEU B 262 17.62 35.33 -7.82
CA LEU B 262 18.05 35.37 -6.43
C LEU B 262 17.96 33.94 -5.92
N VAL B 263 19.06 33.42 -5.36
CA VAL B 263 19.13 32.02 -4.97
C VAL B 263 19.36 31.94 -3.47
N ARG B 264 18.60 31.10 -2.79
CA ARG B 264 18.74 30.94 -1.35
C ARG B 264 19.04 29.48 -1.04
N ALA B 265 20.24 29.21 -0.51
CA ALA B 265 20.56 27.86 -0.06
C ALA B 265 19.78 27.52 1.20
N HIS B 266 19.54 26.22 1.40
CA HIS B 266 18.89 25.74 2.61
C HIS B 266 19.86 25.82 3.79
N PRO B 267 19.48 26.46 4.89
CA PRO B 267 20.42 26.62 6.02
C PRO B 267 20.85 25.30 6.63
N GLY B 268 20.06 24.24 6.44
CA GLY B 268 20.38 22.92 6.94
C GLY B 268 21.18 22.08 5.99
N SER B 269 21.56 22.64 4.83
CA SER B 269 22.33 21.90 3.85
C SER B 269 23.82 21.93 4.20
N LEU B 270 24.52 20.91 3.74
CA LEU B 270 25.98 20.94 3.85
C LEU B 270 26.61 21.94 2.89
N PHE B 271 25.87 22.43 1.90
CA PHE B 271 26.43 23.24 0.83
C PHE B 271 25.85 24.65 0.85
N ARG B 272 26.69 25.61 0.47
CA ARG B 272 26.29 26.99 0.26
C ARG B 272 26.70 27.40 -1.15
N LEU B 273 26.12 28.51 -1.63
CA LEU B 273 26.40 29.05 -2.96
C LEU B 273 27.68 29.85 -2.95
N ARG B 274 28.40 29.80 -4.06
CA ARG B 274 29.54 30.68 -4.16
C ARG B 274 29.05 32.06 -4.58
N ASP B 275 29.83 33.09 -4.22
CA ASP B 275 29.43 34.49 -4.29
C ASP B 275 29.52 35.09 -5.69
N ASP B 276 30.24 34.46 -6.61
CA ASP B 276 30.66 35.10 -7.85
C ASP B 276 29.73 34.85 -9.04
N VAL B 277 28.65 34.08 -8.86
CA VAL B 277 27.83 33.69 -10.00
C VAL B 277 26.49 34.40 -9.96
N PHE B 278 25.59 33.96 -9.08
CA PHE B 278 24.30 34.60 -8.91
C PHE B 278 24.33 35.52 -7.71
N THR B 279 23.28 36.32 -7.60
CA THR B 279 23.01 37.03 -6.35
C THR B 279 22.52 36.02 -5.32
N ILE B 280 23.24 35.91 -4.21
CA ILE B 280 22.91 35.01 -3.11
C ILE B 280 22.06 35.76 -2.11
N ASP B 281 20.97 35.14 -1.68
CA ASP B 281 20.17 35.67 -0.58
C ASP B 281 20.88 35.46 0.75
N ASP B 282 20.84 36.50 1.59
CA ASP B 282 21.38 36.44 2.93
C ASP B 282 20.33 36.79 3.99
N SER B 283 19.05 36.66 3.66
CA SER B 283 18.00 37.05 4.60
C SER B 283 18.06 36.19 5.86
N ALA B 284 17.51 36.76 6.95
CA ALA B 284 17.45 36.04 8.22
C ALA B 284 16.51 34.83 8.17
N ASN B 285 15.53 34.85 7.27
CA ASN B 285 14.51 33.80 7.21
C ASN B 285 13.99 33.75 5.79
N SER B 286 13.34 32.62 5.46
CA SER B 286 12.84 32.43 4.10
C SER B 286 11.73 33.41 3.75
N LEU B 287 10.97 33.92 4.72
CA LEU B 287 9.93 34.88 4.41
C LEU B 287 10.53 36.20 3.91
N ALA B 288 11.54 36.73 4.59
CA ALA B 288 12.20 37.93 4.11
C ALA B 288 12.84 37.72 2.74
N PHE B 289 13.15 36.47 2.37
CA PHE B 289 13.68 36.16 1.05
C PHE B 289 12.60 36.23 -0.02
N ILE B 290 11.45 35.56 0.21
CA ILE B 290 10.41 35.55 -0.82
C ILE B 290 9.77 36.93 -1.02
N ASN B 291 9.80 37.80 0.00
CA ASN B 291 9.25 39.14 -0.16
C ASN B 291 10.01 39.97 -1.20
N GLN B 292 11.29 39.66 -1.46
CA GLN B 292 12.10 40.35 -2.47
C GLN B 292 11.89 39.83 -3.88
N CYS B 293 11.08 38.77 -4.06
CA CYS B 293 10.96 38.04 -5.31
C CYS B 293 9.59 38.25 -5.94
N ASN B 294 9.57 38.34 -7.26
CA ASN B 294 8.31 38.46 -7.98
C ASN B 294 7.65 37.10 -8.13
N GLU B 295 8.43 36.06 -8.46
CA GLU B 295 7.92 34.69 -8.43
C GLU B 295 8.98 33.76 -7.87
N VAL B 296 8.53 32.58 -7.42
CA VAL B 296 9.31 31.64 -6.64
C VAL B 296 9.34 30.29 -7.34
N PHE B 297 10.47 29.59 -7.27
CA PHE B 297 10.65 28.30 -7.92
C PHE B 297 11.13 27.28 -6.88
N THR B 298 10.51 26.11 -6.85
CA THR B 298 10.91 25.11 -5.87
C THR B 298 10.64 23.74 -6.46
N ILE B 299 11.37 22.74 -5.94
CA ILE B 299 10.96 21.36 -6.18
C ILE B 299 9.80 21.01 -5.26
N ASN B 300 10.03 21.00 -3.95
CA ASN B 300 8.95 20.76 -2.99
C ASN B 300 9.32 21.20 -1.57
N SER B 301 9.93 22.38 -1.45
CA SER B 301 10.30 22.91 -0.14
C SER B 301 9.06 23.41 0.61
N SER B 302 9.09 23.30 1.94
CA SER B 302 8.14 24.01 2.78
C SER B 302 8.01 25.48 2.39
N VAL B 303 9.09 26.08 1.84
CA VAL B 303 9.03 27.50 1.48
C VAL B 303 8.02 27.75 0.36
N GLY B 304 7.84 26.79 -0.53
CA GLY B 304 6.80 26.92 -1.54
C GLY B 304 5.43 27.26 -0.97
N LEU B 305 5.07 26.67 0.18
CA LEU B 305 3.77 27.00 0.78
C LEU B 305 3.73 28.45 1.23
N GLU B 306 4.79 28.88 1.91
CA GLU B 306 4.96 30.28 2.29
C GLU B 306 4.77 31.22 1.10
N ALA B 307 5.43 30.91 -0.03
CA ALA B 307 5.29 31.73 -1.23
C ALA B 307 3.84 31.80 -1.69
N ILE B 308 3.13 30.67 -1.66
CA ILE B 308 1.73 30.70 -2.07
C ILE B 308 0.90 31.53 -1.09
N LEU B 309 1.14 31.36 0.22
CA LEU B 309 0.34 32.07 1.21
C LEU B 309 0.52 33.58 1.11
N THR B 310 1.72 34.05 0.74
CA THR B 310 1.92 35.51 0.61
C THR B 310 1.68 36.02 -0.80
N GLY B 311 1.00 35.27 -1.66
CA GLY B 311 0.53 35.82 -2.92
C GLY B 311 1.48 35.74 -4.09
N LYS B 312 2.63 35.06 -3.94
CA LYS B 312 3.61 35.02 -5.01
C LYS B 312 3.26 33.91 -6.01
N LYS B 313 3.44 34.21 -7.30
CA LYS B 313 3.37 33.18 -8.31
C LYS B 313 4.48 32.17 -8.07
N THR B 314 4.12 30.89 -7.90
CA THR B 314 5.06 29.87 -7.44
C THR B 314 5.06 28.68 -8.41
N THR B 315 6.24 28.14 -8.68
CA THR B 315 6.38 26.92 -9.49
C THR B 315 6.84 25.79 -8.59
N VAL B 316 6.04 24.73 -8.53
CA VAL B 316 6.28 23.54 -7.71
C VAL B 316 6.54 22.38 -8.66
N LEU B 317 7.79 21.93 -8.74
CA LEU B 317 8.19 20.92 -9.71
C LEU B 317 8.11 19.50 -9.20
N GLY B 318 8.15 19.29 -7.88
CA GLY B 318 8.06 17.96 -7.30
C GLY B 318 6.70 17.66 -6.68
N ASP B 319 6.59 16.46 -6.14
CA ASP B 319 5.39 16.04 -5.42
C ASP B 319 5.47 16.56 -3.98
N CYS B 320 4.33 17.02 -3.44
CA CYS B 320 4.31 17.43 -2.04
C CYS B 320 2.88 17.67 -1.59
N SER B 321 2.72 17.78 -0.27
CA SER B 321 1.38 17.82 0.31
C SER B 321 0.57 19.03 -0.12
N TYR B 322 1.22 20.16 -0.38
CA TYR B 322 0.52 21.41 -0.69
C TYR B 322 0.43 21.69 -2.18
N ALA B 323 0.99 20.82 -3.02
CA ALA B 323 0.99 21.05 -4.47
C ALA B 323 -0.40 21.31 -5.00
N PHE B 324 -1.42 20.58 -4.52
CA PHE B 324 -2.76 20.68 -5.09
C PHE B 324 -3.33 22.09 -4.94
N ILE B 325 -2.92 22.82 -3.90
CA ILE B 325 -3.35 24.20 -3.74
C ILE B 325 -2.91 25.05 -4.93
N ASN B 326 -1.67 24.86 -5.38
CA ASN B 326 -1.13 25.66 -6.48
C ASN B 326 -1.78 25.30 -7.81
N GLU B 327 -2.31 24.09 -7.93
CA GLU B 327 -2.93 23.66 -9.17
C GLU B 327 -4.32 24.24 -9.37
N LEU B 328 -4.98 24.72 -8.33
CA LEU B 328 -6.31 25.30 -8.52
C LEU B 328 -6.21 26.59 -9.32
N ALA B 329 -7.24 26.85 -10.13
CA ALA B 329 -7.24 28.00 -11.03
C ALA B 329 -7.88 29.23 -10.42
N GLY B 330 -8.95 29.05 -9.65
CA GLY B 330 -9.65 30.18 -9.09
C GLY B 330 -8.99 30.70 -7.82
N ALA B 331 -9.06 32.03 -7.66
CA ALA B 331 -8.54 32.66 -6.45
C ALA B 331 -9.36 32.26 -5.24
N SER B 332 -10.67 32.12 -5.43
CA SER B 332 -11.57 31.72 -4.34
C SER B 332 -11.34 30.26 -3.94
N ALA B 333 -11.05 29.37 -4.90
CA ALA B 333 -10.77 27.98 -4.55
C ALA B 333 -9.37 27.81 -3.99
N THR B 334 -8.43 28.68 -4.36
CA THR B 334 -7.13 28.63 -3.72
C THR B 334 -7.23 28.96 -2.23
N VAL B 335 -7.98 30.01 -1.89
CA VAL B 335 -8.13 30.38 -0.48
C VAL B 335 -8.78 29.24 0.31
N ASN B 336 -9.89 28.71 -0.21
CA ASN B 336 -10.56 27.61 0.49
C ASN B 336 -9.64 26.41 0.70
N ALA B 337 -8.93 25.99 -0.37
CA ALA B 337 -8.01 24.86 -0.25
C ALA B 337 -6.90 25.15 0.74
N ALA B 338 -6.40 26.39 0.75
CA ALA B 338 -5.35 26.76 1.71
C ALA B 338 -5.89 26.73 3.14
N ALA B 339 -7.11 27.25 3.34
CA ALA B 339 -7.70 27.19 4.67
C ALA B 339 -7.92 25.74 5.13
N PHE B 340 -8.34 24.85 4.23
CA PHE B 340 -8.53 23.46 4.62
C PHE B 340 -7.20 22.79 4.96
N TYR B 341 -6.17 23.02 4.15
CA TYR B 341 -4.84 22.45 4.41
C TYR B 341 -4.27 22.93 5.75
N LEU B 342 -4.35 24.24 6.02
CA LEU B 342 -3.75 24.75 7.24
C LEU B 342 -4.50 24.29 8.49
N PHE B 343 -5.84 24.26 8.45
CA PHE B 343 -6.64 24.00 9.64
C PHE B 343 -7.06 22.55 9.78
N SER B 344 -7.16 21.80 8.69
CA SER B 344 -7.63 20.41 8.80
C SER B 344 -6.55 19.38 8.47
N TYR B 345 -5.67 19.66 7.50
CA TYR B 345 -4.65 18.67 7.15
C TYR B 345 -3.46 18.75 8.10
N LEU B 346 -2.89 19.95 8.26
CA LEU B 346 -1.80 20.14 9.21
C LEU B 346 -2.32 20.00 10.64
N VAL B 347 -1.43 19.59 11.54
CA VAL B 347 -1.85 19.36 12.92
C VAL B 347 -1.04 20.22 13.89
N PRO B 348 -1.65 20.85 14.90
CA PRO B 348 -0.85 21.46 15.96
C PRO B 348 0.23 20.46 16.37
N PHE B 349 1.49 20.94 16.37
CA PHE B 349 2.64 20.03 16.48
C PHE B 349 2.53 19.06 17.66
N ASP B 350 2.13 19.54 18.85
CA ASP B 350 2.11 18.68 20.02
C ASP B 350 1.07 17.56 19.93
N LEU B 351 -0.06 17.80 19.27
CA LEU B 351 -1.15 16.83 19.30
C LEU B 351 -0.74 15.48 18.68
N VAL B 352 0.18 15.47 17.71
CA VAL B 352 0.54 14.20 17.08
C VAL B 352 1.37 13.30 17.98
N PHE B 353 1.81 13.83 19.13
CA PHE B 353 2.47 13.09 20.19
C PHE B 353 1.54 12.88 21.38
N ASN B 354 0.27 13.26 21.24
CA ASN B 354 -0.73 13.06 22.27
C ASN B 354 -1.54 11.82 21.94
N GLN B 355 -1.44 10.81 22.81
CA GLN B 355 -2.12 9.54 22.57
C GLN B 355 -3.62 9.71 22.41
N GLU B 356 -4.25 10.60 23.20
CA GLU B 356 -5.69 10.78 23.10
C GLU B 356 -6.09 11.34 21.74
N TYR B 357 -5.37 12.36 21.25
CA TYR B 357 -5.66 12.90 19.93
C TYR B 357 -5.42 11.86 18.84
N LEU B 358 -4.38 11.05 18.98
CA LEU B 358 -4.11 10.03 17.99
C LEU B 358 -5.25 9.02 17.92
N LYS B 359 -5.78 8.59 19.07
CA LYS B 359 -6.92 7.67 19.05
C LYS B 359 -8.14 8.33 18.45
N PHE B 360 -8.42 9.58 18.83
CA PHE B 360 -9.44 10.36 18.16
C PHE B 360 -9.31 10.26 16.63
N ARG B 361 -8.11 10.49 16.08
CA ARG B 361 -7.93 10.44 14.62
C ARG B 361 -8.09 9.04 14.07
N LEU B 362 -7.71 8.03 14.85
CA LEU B 362 -7.84 6.65 14.41
C LEU B 362 -9.30 6.25 14.19
N GLY B 363 -10.25 6.93 14.84
CA GLY B 363 -11.64 6.70 14.53
C GLY B 363 -12.12 7.35 13.26
N HIS B 364 -11.29 8.17 12.62
CA HIS B 364 -11.65 8.81 11.36
C HIS B 364 -12.88 9.68 11.54
N PRO B 365 -12.81 10.72 12.37
CA PRO B 365 -13.99 11.57 12.59
C PRO B 365 -14.26 12.46 11.39
N GLU B 366 -15.38 13.18 11.46
CA GLU B 366 -15.70 14.15 10.41
C GLU B 366 -14.67 15.29 10.41
N GLU B 367 -14.45 15.86 9.21
CA GLU B 367 -13.57 17.00 9.06
C GLU B 367 -13.93 18.14 10.03
N ARG B 368 -15.23 18.36 10.24
CA ARG B 368 -15.62 19.38 11.21
C ARG B 368 -15.03 19.09 12.59
N GLU B 369 -15.04 17.82 12.99
CA GLU B 369 -14.49 17.48 14.30
C GLU B 369 -12.98 17.69 14.33
N ILE B 370 -12.30 17.36 13.23
CA ILE B 370 -10.86 17.56 13.18
C ILE B 370 -10.52 19.04 13.29
N VAL B 371 -11.11 19.87 12.43
CA VAL B 371 -10.87 21.32 12.47
C VAL B 371 -11.14 21.86 13.87
N GLY B 372 -12.31 21.54 14.42
CA GLY B 372 -12.65 22.01 15.75
C GLY B 372 -11.67 21.62 16.84
N LYS B 373 -11.00 20.47 16.70
CA LYS B 373 -10.02 20.09 17.71
C LYS B 373 -8.76 20.94 17.61
N HIS B 374 -8.30 21.18 16.38
CA HIS B 374 -7.13 22.03 16.15
C HIS B 374 -7.36 23.45 16.60
N ILE B 375 -8.53 24.03 16.27
CA ILE B 375 -8.83 25.40 16.68
C ILE B 375 -8.93 25.49 18.19
N GLU B 376 -9.46 24.45 18.84
CA GLU B 376 -9.48 24.42 20.30
C GLU B 376 -8.07 24.48 20.87
N PHE B 377 -7.15 23.69 20.30
CA PHE B 377 -5.75 23.75 20.73
C PHE B 377 -5.14 25.12 20.42
N TYR B 378 -5.31 25.60 19.17
CA TYR B 378 -4.75 26.89 18.78
C TYR B 378 -5.24 28.05 19.65
N SER B 379 -6.49 27.99 20.14
CA SER B 379 -7.09 29.08 20.88
C SER B 379 -7.03 28.89 22.40
N ALA B 380 -6.23 27.95 22.89
CA ALA B 380 -6.25 27.63 24.31
C ALA B 380 -5.95 28.87 25.15
N ASP B 381 -4.82 29.52 24.88
CA ASP B 381 -4.46 30.74 25.60
C ASP B 381 -4.97 31.97 24.85
N HIS B 391 -22.21 25.27 14.72
CA HIS B 391 -20.91 25.57 14.16
C HIS B 391 -20.59 24.72 12.94
N SER B 392 -20.44 25.38 11.79
CA SER B 392 -19.97 24.76 10.56
C SER B 392 -18.45 24.81 10.49
N LEU B 393 -17.89 24.14 9.48
CA LEU B 393 -16.44 24.12 9.34
C LEU B 393 -15.91 25.48 8.88
N SER B 394 -16.56 26.09 7.89
CA SER B 394 -16.19 27.45 7.50
C SER B 394 -16.44 28.43 8.64
N SER B 395 -17.53 28.22 9.39
CA SER B 395 -17.82 29.07 10.55
C SER B 395 -16.71 28.97 11.58
N LEU B 396 -16.22 27.75 11.84
CA LEU B 396 -15.16 27.56 12.82
C LEU B 396 -13.92 28.36 12.43
N ILE B 397 -13.54 28.28 11.16
CA ILE B 397 -12.29 28.91 10.72
C ILE B 397 -12.45 30.43 10.69
N ASN B 398 -13.53 30.92 10.06
CA ASN B 398 -13.76 32.36 10.00
C ASN B 398 -13.77 32.97 11.40
N GLU B 399 -14.36 32.27 12.37
CA GLU B 399 -14.38 32.79 13.73
C GLU B 399 -13.00 32.77 14.34
N ALA B 400 -12.25 31.68 14.13
CA ALA B 400 -10.90 31.60 14.68
C ALA B 400 -10.02 32.73 14.14
N ILE B 401 -10.17 33.07 12.86
CA ILE B 401 -9.36 34.14 12.29
C ILE B 401 -9.82 35.50 12.82
N SER B 402 -11.14 35.67 12.97
CA SER B 402 -11.70 36.94 13.42
C SER B 402 -11.28 37.25 14.86
N LEU B 403 -11.26 36.24 15.73
CA LEU B 403 -10.75 36.44 17.09
C LEU B 403 -9.28 36.86 17.08
N GLU B 404 -8.47 36.26 16.20
CA GLU B 404 -7.09 36.70 16.07
C GLU B 404 -7.02 38.13 15.58
N HIS B 405 -7.82 38.46 14.56
CA HIS B 405 -7.88 39.81 14.00
C HIS B 405 -7.84 40.90 15.08
N HIS B 406 -8.60 40.72 16.15
CA HIS B 406 -8.64 41.73 17.20
C HIS B 406 -8.23 41.15 18.56
C1 NAG C . -12.89 -20.07 -17.16
C2 NAG C . -12.28 -19.47 -15.90
C3 NAG C . -11.82 -18.03 -16.15
C4 NAG C . -10.98 -17.93 -17.41
C5 NAG C . -11.64 -18.67 -18.58
C6 NAG C . -10.76 -18.80 -19.80
C7 NAG C . -13.07 -20.26 -13.71
C8 NAG C . -14.16 -20.19 -12.68
N2 NAG C . -13.25 -19.52 -14.81
O1 NAG C . -13.21 -21.39 -16.90
O3 NAG C . -11.02 -17.59 -15.05
O4 NAG C . -10.79 -16.56 -17.73
O5 NAG C . -11.95 -20.01 -18.19
O6 NAG C . -9.56 -18.08 -19.63
O7 NAG C . -12.06 -20.94 -13.55
H1 NAG C . -13.68 -19.56 -17.41
H2 NAG C . -11.49 -19.98 -15.66
H3 NAG C . -12.61 -17.47 -16.23
H4 NAG C . -10.11 -18.35 -17.28
H5 NAG C . -12.46 -18.20 -18.82
H61 NAG C . -11.24 -18.45 -20.58
H62 NAG C . -10.55 -19.75 -19.95
H81 NAG C . -15.02 -20.23 -13.13
H82 NAG C . -14.07 -19.36 -12.18
H83 NAG C . -14.07 -20.96 -12.08
HN2 NAG C . -14.01 -19.03 -14.88
HO1 NAG C . -12.45 -21.83 -16.77
HO4 NAG C . -10.01 -16.29 -17.41
HO6 NAG C . -9.00 -18.55 -19.12
C1 RAM C . -11.70 -16.76 -14.10
C2 RAM C . -10.68 -16.30 -13.04
C3 RAM C . -9.72 -15.29 -13.60
C4 RAM C . -10.42 -14.05 -14.08
C5 RAM C . -11.42 -14.49 -15.14
C6 RAM C . -12.31 -13.40 -15.65
O2 RAM C . -11.31 -15.72 -11.89
O3 RAM C . -8.69 -14.94 -12.62
O4 RAM C . -9.48 -13.17 -14.69
O5 RAM C . -12.36 -15.57 -14.71
H1 RAM C . -12.39 -17.30 -13.68
H2 RAM C . -10.22 -17.10 -12.74
H3 RAM C . -9.26 -15.70 -14.35
H4 RAM C . -10.82 -13.56 -13.34
H5 RAM C . -10.83 -14.79 -15.85
H61 RAM C . -12.57 -13.61 -16.55
H62 RAM C . -11.82 -12.57 -15.64
H63 RAM C . -13.09 -13.33 -15.08
HO2 RAM C . -12.06 -15.36 -12.11
HO3 RAM C . -8.91 -15.26 -11.87
HO4 RAM C . -8.70 -13.33 -14.41
C1 NAG D . 17.26 20.33 11.68
C2 NAG D . 15.96 19.63 11.29
C3 NAG D . 16.23 18.25 10.70
C4 NAG D . 17.28 18.34 9.59
C5 NAG D . 18.53 19.02 10.13
C6 NAG D . 19.62 19.20 9.09
C7 NAG D . 13.98 20.27 12.61
C8 NAG D . 13.19 20.02 13.84
N2 NAG D . 15.07 19.52 12.44
O1 NAG D . 16.98 21.63 12.07
O3 NAG D . 15.01 17.76 10.15
O4 NAG D . 17.58 17.04 9.10
O5 NAG D . 18.18 20.34 10.57
O6 NAG D . 19.15 19.91 7.97
O7 NAG D . 13.66 21.11 11.79
H1 NAG D . 17.69 19.85 12.42
H2 NAG D . 15.53 20.17 10.60
H3 NAG D . 16.56 17.65 11.39
H4 NAG D . 16.93 18.86 8.85
H5 NAG D . 18.90 18.51 10.87
H61 NAG D . 19.93 18.32 8.81
H62 NAG D . 20.37 19.68 9.50
H81 NAG D . 13.64 19.35 14.39
H82 NAG D . 12.30 19.71 13.60
H83 NAG D . 13.11 20.85 14.36
HN2 NAG D . 15.27 18.90 13.08
HO1 NAG D . 16.10 21.72 12.19
HO4 NAG D . 18.36 16.77 9.41
HO6 NAG D . 18.98 19.35 7.31
C1 RAM D . 14.30 16.80 10.96
C2 RAM D . 13.04 16.39 10.18
C3 RAM D . 13.49 15.68 8.93
C4 RAM D . 14.18 14.39 9.27
C5 RAM D . 15.36 14.72 10.18
C6 RAM D . 16.02 13.52 10.80
O2 RAM D . 12.16 15.53 10.89
O3 RAM D . 12.44 15.28 8.02
O4 RAM D . 14.83 13.67 8.19
O5 RAM D . 15.11 15.62 11.32
H1 RAM D . 14.05 17.24 11.79
H2 RAM D . 12.51 17.19 10.02
H3 RAM D . 14.03 16.35 8.48
H4 RAM D . 13.46 13.83 9.60
H5 RAM D . 15.95 15.14 9.54
H61 RAM D . 15.87 13.53 11.75
H62 RAM D . 16.97 13.55 10.62
H63 RAM D . 15.64 12.71 10.42
HO2 RAM D . 12.57 15.08 11.47
HO3 RAM D . 11.70 15.56 8.29
HO4 RAM D . 14.56 13.94 7.44
O3P C5P E . -4.62 -20.70 -14.94
P C5P E . -3.67 -21.49 -14.07
O1P C5P E . -2.39 -21.93 -14.74
O2P C5P E . -3.49 -21.03 -12.64
O5' C5P E . -4.54 -23.11 -13.81
C5' C5P E . -5.85 -23.16 -13.46
C4' C5P E . -6.47 -24.51 -13.87
O4' C5P E . -6.32 -24.85 -15.26
C3' C5P E . -5.62 -25.59 -13.13
O3' C5P E . -5.98 -26.03 -11.87
C2' C5P E . -5.73 -26.84 -14.06
O2' C5P E . -6.92 -27.49 -13.72
C1' C5P E . -5.92 -26.20 -15.47
N1 C5P E . -4.64 -26.10 -16.35
C2 C5P E . -4.42 -27.13 -17.31
N3 C5P E . -3.22 -27.00 -18.13
C4 C5P E . -2.37 -25.96 -18.00
C5 C5P E . -2.63 -24.89 -17.01
C6 C5P E . -3.77 -25.01 -16.23
O2 C5P E . -5.21 -28.04 -17.38
N4 C5P E . -1.22 -25.92 -18.88
H5'1 C5P E . -6.43 -22.53 -13.89
H5'2 C5P E . -6.03 -23.14 -12.50
H4' C5P E . -7.44 -24.55 -13.80
H3' C5P E . -4.66 -25.47 -13.27
HO3' C5P E . -5.52 -25.62 -11.27
H2'1 C5P E . -4.87 -27.25 -13.86
HO2' C5P E . -6.82 -28.10 -13.15
H1' C5P E . -6.54 -26.84 -15.85
H5 C5P E . -2.04 -24.19 -16.94
H6 C5P E . -4.00 -24.38 -15.59
HN41 C5P E . -0.85 -25.24 -19.25
HN42 C5P E . -0.75 -26.59 -19.15
NA NA F . 12.15 -27.57 -2.87
NA NA G . -10.31 -37.18 -1.60
C1 KDO H . -6.16 -13.91 -14.48
O1A KDO H . -5.99 -12.80 -13.90
O1B KDO H . -6.95 -13.97 -15.43
C2 KDO H . -5.43 -15.22 -14.05
C3 KDO H . -5.40 -15.29 -12.54
C4 KDO H . -5.22 -16.68 -12.03
O4 KDO H . -5.07 -16.52 -10.59
C5 KDO H . -6.36 -17.60 -12.40
O5 KDO H . -7.67 -17.15 -12.12
C6 KDO H . -6.13 -17.66 -13.89
O6 KDO H . -6.25 -16.35 -14.57
C7 KDO H . -7.12 -18.49 -14.66
O7 KDO H . -6.87 -19.82 -14.28
C8 KDO H . -6.92 -18.32 -16.16
O8 KDO H . -7.78 -19.22 -16.78
H31 KDO H . -6.23 -14.93 -12.19
H32 KDO H . -4.65 -14.75 -12.22
H4 KDO H . -4.45 -17.12 -12.39
HO4 KDO H . -5.56 -15.88 -10.35
H5 KDO H . -6.36 -18.42 -11.88
HO5 KDO H . -7.61 -16.68 -11.42
H6 KDO H . -5.25 -18.05 -13.93
H7 KDO H . -8.03 -18.22 -14.48
HO7 KDO H . -6.86 -20.33 -14.95
H81 KDO H . -6.00 -18.52 -16.40
H82 KDO H . -7.14 -17.42 -16.42
HO8 KDO H . -7.68 -19.20 -17.62
O3P C5P I . 10.88 21.80 3.54
P C5P I . 12.25 22.43 3.59
O1P C5P I . 13.35 21.72 4.32
O2P C5P I . 12.66 23.16 2.33
O5' C5P I . 12.08 23.92 4.68
C5' C5P I . 11.85 23.83 5.97
C4' C5P I . 12.32 25.13 6.67
O4' C5P I . 13.59 25.61 6.20
C3' C5P I . 11.33 26.19 6.14
O3' C5P I . 10.18 26.58 6.79
C2' C5P I . 12.15 27.51 6.14
O2' C5P I . 12.08 28.05 7.45
C1' C5P I . 13.60 27.02 5.97
N1 C5P I . 14.24 27.12 4.59
C2 C5P I . 15.07 28.26 4.37
N3 C5P I . 15.68 28.33 3.06
C4 C5P I . 15.51 27.36 2.13
C5 C5P I . 14.66 26.19 2.42
C6 C5P I . 14.07 26.13 3.65
O2 C5P I . 15.17 29.06 5.26
N4 C5P I . 16.13 27.47 0.90
H5'1 C5P I . 12.33 23.14 6.45
H5'2 C5P I . 10.92 23.78 6.24
H4' C5P I . 12.50 25.06 7.62
H3' C5P I . 11.23 26.07 5.18
HO3' C5P I . 9.70 25.95 7.02
H2'1 C5P I . 11.70 27.96 5.41
HO2' C5P I . 12.32 28.87 7.48
H1' C5P I . 14.04 27.65 6.56
H5 C5P I . 14.54 25.54 1.76
H6 C5P I . 13.54 25.41 3.92
HN41 C5P I . 16.02 26.98 0.21
HN42 C5P I . 16.69 28.07 0.65
NA NA J . 2.97 -9.03 5.30
NA NA K . -3.94 28.41 -7.21
C1 KDO L . 13.94 14.70 5.15
O1A KDO L . 15.03 14.74 5.77
O1B KDO L . 13.41 13.56 4.92
C2 KDO L . 13.24 16.02 4.66
C3 KDO L . 11.74 15.87 4.87
C4 KDO L . 11.03 17.16 4.80
O4 KDO L . 9.59 16.97 5.00
C5 KDO L . 11.49 18.18 5.83
O5 KDO L . 11.45 17.75 7.18
C6 KDO L . 12.95 18.46 5.51
O6 KDO L . 13.75 17.21 5.45
C7 KDO L . 13.72 19.26 6.54
O7 KDO L . 13.33 20.61 6.39
C8 KDO L . 15.22 19.13 6.31
O8 KDO L . 15.93 20.21 6.86
H31 KDO L . 11.58 15.47 5.74
H32 KDO L . 11.40 15.28 4.17
H4 KDO L . 11.20 17.52 3.92
HO4 KDO L . 9.31 16.35 4.49
H5 KDO L . 10.88 18.93 5.79
HO5 KDO L . 10.80 17.22 7.27
H6 KDO L . 12.87 18.97 4.69
H7 KDO L . 13.52 18.95 7.43
HO7 KDO L . 13.05 20.74 5.60
H81 KDO L . 15.39 19.10 5.35
H82 KDO L . 15.53 18.31 6.72
HO8 KDO L . 16.66 19.95 7.20
#